data_8ZX2
#
_entry.id   8ZX2
#
_cell.length_a   47.597
_cell.length_b   86.496
_cell.length_c   86.219
_cell.angle_alpha   90.000
_cell.angle_beta   94.862
_cell.angle_gamma   90.000
#
_symmetry.space_group_name_H-M   'P 1 21 1'
#
loop_
_entity.id
_entity.type
_entity.pdbx_description
1 polymer 'Beta-1,3-galactosyltransferase 5'
2 branched 2-acetamido-2-deoxy-beta-D-glucopyranose-(1-4)-2-acetamido-2-deoxy-beta-D-glucopyranose
3 branched alpha-L-fucopyranose-(1-6)-2-acetamido-2-deoxy-beta-D-glucopyranose
4 branched alpha-D-mannopyranose-(1-3)-[alpha-D-mannopyranose-(1-6)]beta-D-mannopyranose-(1-4)-2-acetamido-2-deoxy-beta-D-glucopyranose-(1-4)-[alpha-L-fucopyranose-(1-6)]2-acetamido-2-deoxy-beta-D-glucopyranose
5 branched beta-D-galactopyranose-(1-3)-alpha-D-mannopyranose-(1-6)-beta-D-mannopyranose
6 non-polymer 'MANGANESE (II) ION'
7 non-polymer 2-[3-(2-HYDROXY-1,1-DIHYDROXYMETHYL-ETHYLAMINO)-PROPYLAMINO]-2-HYDROXYMETHYL-PROPANE-1,3-DIOL
8 non-polymer 2-acetamido-2-deoxy-beta-D-glucopyranose
9 water water
#
_entity_poly.entity_id   1
_entity_poly.type   'polypeptide(L)'
_entity_poly.pdbx_seq_one_letter_code
;FKEQSFVYKKDGNFLKLPDTDCRQTPPFLVLLVTSSHKQLAERMAIRQTWGKERMVKGKQLKTFFLLGTTSSAAETKEVD
QESQRHGDIIQKDFLDVYYNLTLKTMMGIEWVHRFCPQAAFVMKTDSDMFINVDYLTELLLKKNRTTRFFTGFLKLNEFP
IRQPFSKWFVSKSEYPWDRYPPFCSGTGYVFSGDVASQVYNVSKSVPYIKLEDVFVGLCLERLNIRLEELHSQPTFFPGG
LRFSVCLFRRIVACHFIKPRTLLDYWQALENSRGEDCP
;
_entity_poly.pdbx_strand_id   A,B
#
loop_
_chem_comp.id
_chem_comp.type
_chem_comp.name
_chem_comp.formula
B3P non-polymer 2-[3-(2-HYDROXY-1,1-DIHYDROXYMETHYL-ETHYLAMINO)-PROPYLAMINO]-2-HYDROXYMETHYL-PROPANE-1,3-DIOL 'C11 H26 N2 O6'
BMA D-saccharide, beta linking beta-D-mannopyranose 'C6 H12 O6'
FUC L-saccharide, alpha linking alpha-L-fucopyranose 'C6 H12 O5'
GAL D-saccharide, beta linking beta-D-galactopyranose 'C6 H12 O6'
MAN D-saccharide, alpha linking alpha-D-mannopyranose 'C6 H12 O6'
MN non-polymer 'MANGANESE (II) ION' 'Mn 2'
NAG D-saccharide, beta linking 2-acetamido-2-deoxy-beta-D-glucopyranose 'C8 H15 N O6'
#
# COMPACT_ATOMS: atom_id res chain seq x y z
N GLY A 12 -12.66 -6.10 6.45
CA GLY A 12 -12.61 -5.81 7.89
C GLY A 12 -12.38 -4.34 8.17
N ASN A 13 -12.55 -3.48 7.16
CA ASN A 13 -12.33 -2.01 7.30
C ASN A 13 -10.85 -1.74 7.65
N PHE A 14 -9.91 -2.35 6.94
CA PHE A 14 -8.46 -2.10 7.19
C PHE A 14 -7.96 -1.04 6.22
N LEU A 15 -7.32 0.00 6.74
CA LEU A 15 -6.74 1.07 5.88
C LEU A 15 -5.43 0.58 5.24
N LYS A 16 -4.64 -0.22 5.96
CA LYS A 16 -3.38 -0.71 5.43
C LYS A 16 -3.27 -2.20 5.66
N LEU A 17 -2.79 -2.93 4.64
CA LEU A 17 -2.60 -4.37 4.72
C LEU A 17 -1.24 -4.72 4.14
N PRO A 18 -0.50 -5.63 4.77
CA PRO A 18 0.77 -6.07 4.18
C PRO A 18 0.59 -6.94 2.95
N ASP A 19 1.49 -6.76 1.99
CA ASP A 19 1.53 -7.63 0.81
C ASP A 19 2.11 -8.96 1.24
N THR A 20 1.24 -9.92 1.53
CA THR A 20 1.67 -11.24 1.95
C THR A 20 0.51 -12.19 1.74
N ASP A 21 0.82 -13.40 1.31
CA ASP A 21 -0.18 -14.42 1.04
C ASP A 21 0.12 -15.62 1.92
N CYS A 22 -0.50 -15.64 3.10
CA CYS A 22 -0.32 -16.75 4.02
C CYS A 22 -0.85 -18.06 3.44
N ARG A 23 -1.73 -17.99 2.44
CA ARG A 23 -2.17 -19.22 1.80
C ARG A 23 -1.05 -19.84 0.99
N GLN A 24 -0.36 -19.02 0.19
CA GLN A 24 0.78 -19.50 -0.59
C GLN A 24 1.95 -19.93 0.30
N THR A 25 2.30 -19.10 1.28
CA THR A 25 3.48 -19.33 2.13
C THR A 25 3.07 -19.26 3.60
N PRO A 26 2.58 -20.36 4.15
CA PRO A 26 2.16 -20.37 5.55
C PRO A 26 3.30 -19.98 6.47
N PRO A 27 3.24 -18.81 7.09
CA PRO A 27 4.33 -18.42 7.98
C PRO A 27 4.33 -19.30 9.22
N PHE A 28 5.53 -19.62 9.71
CA PHE A 28 5.57 -20.38 10.95
C PHE A 28 5.33 -19.48 12.15
N LEU A 29 5.89 -18.27 12.14
CA LEU A 29 5.72 -17.37 13.27
C LEU A 29 5.47 -15.98 12.73
N VAL A 30 4.35 -15.39 13.14
CA VAL A 30 4.00 -14.00 12.83
C VAL A 30 4.21 -13.17 14.08
N LEU A 31 4.96 -12.06 13.95
CA LEU A 31 5.17 -11.12 15.05
C LEU A 31 4.32 -9.90 14.76
N LEU A 32 3.50 -9.52 15.73
CA LEU A 32 2.68 -8.33 15.65
C LEU A 32 3.20 -7.41 16.74
N VAL A 33 3.79 -6.29 16.32
CA VAL A 33 4.50 -5.37 17.18
C VAL A 33 3.63 -4.14 17.36
N THR A 34 3.29 -3.84 18.61
CA THR A 34 2.55 -2.63 18.90
C THR A 34 3.53 -1.50 19.17
N SER A 35 3.31 -0.36 18.52
CA SER A 35 4.05 0.85 18.84
C SER A 35 3.18 2.01 18.41
N SER A 36 3.47 3.19 18.96
CA SER A 36 2.73 4.38 18.59
C SER A 36 3.33 5.01 17.33
N HIS A 37 2.65 6.06 16.83
CA HIS A 37 3.03 6.63 15.54
C HIS A 37 4.43 7.22 15.56
N LYS A 38 4.80 7.89 16.64
CA LYS A 38 6.09 8.57 16.70
C LYS A 38 7.26 7.63 16.96
N GLN A 39 7.00 6.34 17.22
CA GLN A 39 8.08 5.41 17.57
C GLN A 39 8.70 4.78 16.36
N LEU A 40 8.92 5.58 15.31
CA LEU A 40 9.63 5.08 14.15
C LEU A 40 11.01 4.55 14.51
N ALA A 41 11.72 5.19 15.43
CA ALA A 41 13.01 4.67 15.84
C ALA A 41 12.89 3.23 16.37
N GLU A 42 11.87 2.97 17.18
CA GLU A 42 11.69 1.62 17.69
C GLU A 42 11.48 0.64 16.55
N ARG A 43 10.57 0.97 15.63
CA ARG A 43 10.26 0.03 14.56
C ARG A 43 11.47 -0.20 13.68
N MET A 44 12.28 0.83 13.46
CA MET A 44 13.47 0.65 12.62
C MET A 44 14.50 -0.22 13.30
N ALA A 45 14.72 0.00 14.61
CA ALA A 45 15.61 -0.88 15.36
C ALA A 45 15.13 -2.33 15.27
N ILE A 46 13.81 -2.55 15.32
CA ILE A 46 13.29 -3.90 15.25
C ILE A 46 13.43 -4.50 13.85
N ARG A 47 13.13 -3.69 12.81
CA ARG A 47 13.31 -4.16 11.44
C ARG A 47 14.75 -4.53 11.17
N GLN A 48 15.68 -3.87 11.87
CA GLN A 48 17.09 -4.20 11.68
C GLN A 48 17.58 -5.34 12.59
N THR A 49 16.76 -5.81 13.54
CA THR A 49 17.24 -6.86 14.45
C THR A 49 16.27 -8.05 14.50
N TRP A 50 15.61 -8.31 15.63
CA TRP A 50 14.82 -9.52 15.70
C TRP A 50 13.64 -9.52 14.75
N GLY A 51 13.26 -8.37 14.20
CA GLY A 51 12.14 -8.32 13.27
C GLY A 51 12.47 -8.64 11.83
N LYS A 52 13.75 -8.84 11.49
CA LYS A 52 14.11 -9.08 10.10
C LYS A 52 13.55 -10.43 9.65
N GLU A 53 12.78 -10.42 8.56
CA GLU A 53 12.12 -11.64 8.11
C GLU A 53 13.15 -12.62 7.57
N ARG A 54 12.90 -13.91 7.79
CA ARG A 54 13.91 -14.89 7.43
C ARG A 54 13.37 -16.28 7.74
N MET A 55 14.12 -17.27 7.28
CA MET A 55 13.89 -18.65 7.63
C MET A 55 14.69 -18.93 8.88
N VAL A 56 14.01 -19.48 9.88
CA VAL A 56 14.60 -19.82 11.16
C VAL A 56 14.42 -21.33 11.27
N LYS A 57 15.50 -22.06 11.02
CA LYS A 57 15.46 -23.52 10.94
C LYS A 57 14.49 -23.97 9.84
N GLY A 58 14.51 -23.25 8.72
CA GLY A 58 13.60 -23.54 7.63
C GLY A 58 12.15 -23.18 7.85
N LYS A 59 11.83 -22.43 8.91
CA LYS A 59 10.48 -21.96 9.17
C LYS A 59 10.36 -20.48 8.85
N GLN A 60 9.27 -20.07 8.24
CA GLN A 60 9.15 -18.68 7.82
C GLN A 60 8.72 -17.79 8.98
N LEU A 61 9.42 -16.67 9.13
CA LEU A 61 9.13 -15.64 10.12
C LEU A 61 8.66 -14.39 9.41
N LYS A 62 7.54 -13.83 9.86
CA LYS A 62 6.99 -12.60 9.32
C LYS A 62 6.80 -11.58 10.43
N THR A 63 6.96 -10.29 10.12
CA THR A 63 6.88 -9.25 11.13
C THR A 63 6.02 -8.11 10.63
N PHE A 64 5.02 -7.73 11.41
CA PHE A 64 4.17 -6.61 11.05
C PHE A 64 4.01 -5.70 12.27
N PHE A 65 3.78 -4.43 11.99
CA PHE A 65 3.58 -3.42 13.01
C PHE A 65 2.13 -2.98 13.01
N LEU A 66 1.54 -2.87 14.20
CA LEU A 66 0.14 -2.53 14.37
C LEU A 66 0.05 -1.04 14.67
N LEU A 67 -0.71 -0.32 13.86
CA LEU A 67 -0.89 1.10 14.08
C LEU A 67 -2.37 1.43 13.95
N GLY A 68 -2.81 2.42 14.69
CA GLY A 68 -4.07 3.07 14.44
C GLY A 68 -3.88 4.33 13.65
N THR A 69 -4.73 5.32 13.91
CA THR A 69 -4.66 6.62 13.27
C THR A 69 -4.44 7.69 14.32
N THR A 70 -4.09 8.87 13.84
CA THR A 70 -3.71 9.99 14.68
C THR A 70 -4.33 11.26 14.13
N SER A 71 -4.53 12.23 15.02
CA SER A 71 -5.00 13.54 14.57
C SER A 71 -3.93 14.23 13.73
N SER A 72 -2.72 14.30 14.26
CA SER A 72 -1.55 14.90 13.61
C SER A 72 -1.46 14.54 12.13
N ALA A 73 -1.45 15.55 11.27
CA ALA A 73 -1.31 15.31 9.84
C ALA A 73 0.13 14.93 9.50
N ALA A 74 1.10 15.52 10.19
CA ALA A 74 2.49 15.15 9.98
C ALA A 74 2.71 13.67 10.27
N GLU A 75 2.27 13.21 11.43
CA GLU A 75 2.44 11.80 11.78
C GLU A 75 1.72 10.90 10.79
N THR A 76 0.52 11.30 10.38
CA THR A 76 -0.20 10.51 9.38
C THR A 76 0.62 10.36 8.11
N LYS A 77 1.22 11.46 7.64
CA LYS A 77 2.00 11.34 6.41
C LYS A 77 3.23 10.48 6.63
N GLU A 78 3.94 10.71 7.73
CA GLU A 78 5.10 9.88 8.05
C GLU A 78 4.74 8.43 7.94
N VAL A 79 3.59 8.07 8.50
CA VAL A 79 3.21 6.65 8.58
C VAL A 79 2.79 6.14 7.20
N ASP A 80 2.10 6.97 6.41
CA ASP A 80 1.79 6.53 5.06
C ASP A 80 3.05 6.27 4.26
N GLN A 81 4.06 7.13 4.43
CA GLN A 81 5.35 6.94 3.77
C GLN A 81 6.03 5.67 4.26
N GLU A 82 6.00 5.45 5.58
CA GLU A 82 6.60 4.24 6.14
C GLU A 82 5.95 3.00 5.57
N SER A 83 4.61 3.01 5.45
CA SER A 83 3.91 1.88 4.87
C SER A 83 4.32 1.67 3.41
N GLN A 84 4.33 2.76 2.63
CA GLN A 84 4.73 2.62 1.23
C GLN A 84 6.12 2.01 1.13
N ARG A 85 7.05 2.49 1.94
CA ARG A 85 8.44 2.06 1.85
C ARG A 85 8.69 0.66 2.40
N HIS A 86 7.91 0.21 3.40
CA HIS A 86 8.19 -1.05 4.06
C HIS A 86 7.10 -2.12 3.89
N GLY A 87 5.89 -1.74 3.51
CA GLY A 87 4.79 -2.68 3.30
C GLY A 87 4.49 -3.65 4.43
N ASP A 88 4.79 -3.27 5.69
CA ASP A 88 4.60 -4.19 6.80
C ASP A 88 3.76 -3.59 7.93
N ILE A 89 2.90 -2.62 7.61
CA ILE A 89 2.04 -1.98 8.60
C ILE A 89 0.62 -2.53 8.44
N ILE A 90 -0.04 -2.77 9.56
CA ILE A 90 -1.46 -3.12 9.64
C ILE A 90 -2.16 -1.96 10.34
N GLN A 91 -3.15 -1.37 9.69
CA GLN A 91 -3.76 -0.16 10.23
C GLN A 91 -5.27 -0.26 10.13
N LYS A 92 -5.94 0.30 11.13
CA LYS A 92 -7.41 0.47 11.09
C LYS A 92 -7.65 1.90 11.61
N ASP A 93 -8.83 2.47 11.37
CA ASP A 93 -9.08 3.86 11.77
C ASP A 93 -9.63 3.87 13.19
N PHE A 94 -8.72 3.90 14.16
CA PHE A 94 -9.07 4.13 15.55
C PHE A 94 -7.98 5.01 16.12
N LEU A 95 -8.37 5.93 17.01
CA LEU A 95 -7.40 6.85 17.57
C LEU A 95 -6.34 6.10 18.36
N ASP A 96 -5.11 6.11 17.86
CA ASP A 96 -4.00 5.34 18.43
C ASP A 96 -3.48 6.01 19.70
N VAL A 97 -4.00 5.61 20.86
CA VAL A 97 -3.55 6.12 22.15
C VAL A 97 -3.50 4.97 23.16
N TYR A 98 -2.77 5.20 24.26
CA TYR A 98 -2.58 4.13 25.24
C TYR A 98 -3.91 3.45 25.60
N TYR A 99 -4.96 4.22 25.78
CA TYR A 99 -6.21 3.65 26.25
C TYR A 99 -7.05 3.05 25.13
N ASN A 100 -6.52 3.01 23.92
CA ASN A 100 -7.10 2.17 22.88
C ASN A 100 -6.25 0.96 22.56
N LEU A 101 -5.27 0.62 23.41
CA LEU A 101 -4.43 -0.54 23.10
C LEU A 101 -5.26 -1.81 22.87
N THR A 102 -6.40 -1.98 23.56
CA THR A 102 -7.22 -3.16 23.30
C THR A 102 -7.73 -3.21 21.85
N LEU A 103 -8.24 -2.10 21.33
CA LEU A 103 -8.56 -2.06 19.91
C LEU A 103 -7.36 -2.50 19.10
N LYS A 104 -6.17 -1.94 19.39
CA LYS A 104 -5.00 -2.29 18.58
C LYS A 104 -4.81 -3.78 18.59
N THR A 105 -4.87 -4.38 19.78
CA THR A 105 -4.63 -5.81 19.87
C THR A 105 -5.69 -6.57 19.10
N MET A 106 -6.96 -6.17 19.27
CA MET A 106 -8.00 -6.89 18.54
C MET A 106 -7.82 -6.71 17.05
N MET A 107 -7.34 -5.55 16.60
CA MET A 107 -6.99 -5.42 15.18
C MET A 107 -6.01 -6.50 14.76
N GLY A 108 -4.89 -6.60 15.48
CA GLY A 108 -3.93 -7.63 15.12
C GLY A 108 -4.59 -8.98 15.06
N ILE A 109 -5.41 -9.30 16.07
CA ILE A 109 -6.00 -10.63 16.11
C ILE A 109 -6.95 -10.81 14.93
N GLU A 110 -7.75 -9.79 14.65
CA GLU A 110 -8.63 -9.85 13.49
C GLU A 110 -7.83 -10.12 12.24
N TRP A 111 -6.67 -9.46 12.10
CA TRP A 111 -5.87 -9.67 10.91
C TRP A 111 -5.53 -11.13 10.78
N VAL A 112 -5.02 -11.74 11.87
CA VAL A 112 -4.64 -13.14 11.77
C VAL A 112 -5.83 -13.95 11.34
N HIS A 113 -7.01 -13.61 11.87
CA HIS A 113 -8.20 -14.38 11.56
C HIS A 113 -8.60 -14.23 10.10
N ARG A 114 -8.56 -13.01 9.55
CA ARG A 114 -9.11 -12.83 8.21
C ARG A 114 -8.11 -13.14 7.12
N PHE A 115 -6.83 -12.81 7.35
CA PHE A 115 -5.82 -12.84 6.34
C PHE A 115 -4.67 -13.80 6.61
N CYS A 116 -4.56 -14.38 7.80
CA CYS A 116 -3.42 -15.27 7.97
C CYS A 116 -3.74 -16.41 8.91
N PRO A 117 -4.89 -17.06 8.73
CA PRO A 117 -5.25 -18.17 9.63
C PRO A 117 -4.31 -19.34 9.55
N GLN A 118 -3.43 -19.37 8.54
CA GLN A 118 -2.44 -20.44 8.39
C GLN A 118 -1.20 -20.26 9.27
N ALA A 119 -1.03 -19.11 9.94
CA ALA A 119 0.12 -18.97 10.82
C ALA A 119 0.10 -20.07 11.88
N ALA A 120 1.19 -20.82 11.99
CA ALA A 120 1.27 -21.77 13.08
C ALA A 120 1.21 -21.06 14.41
N PHE A 121 2.02 -19.99 14.57
CA PHE A 121 2.10 -19.28 15.85
C PHE A 121 2.15 -17.79 15.63
N VAL A 122 1.68 -17.05 16.63
CA VAL A 122 1.61 -15.60 16.59
C VAL A 122 2.13 -15.05 17.91
N MET A 123 3.00 -14.05 17.83
CA MET A 123 3.49 -13.36 19.00
C MET A 123 3.06 -11.92 18.93
N LYS A 124 2.32 -11.46 19.94
CA LYS A 124 2.07 -10.03 20.13
C LYS A 124 3.14 -9.50 21.07
N THR A 125 3.85 -8.44 20.65
CA THR A 125 4.93 -7.87 21.45
C THR A 125 4.88 -6.35 21.43
N ASP A 126 5.45 -5.76 22.49
CA ASP A 126 5.75 -4.34 22.61
C ASP A 126 6.97 -3.99 21.80
N SER A 127 7.22 -2.69 21.75
CA SER A 127 8.34 -2.17 20.96
C SER A 127 9.65 -2.13 21.74
N ASP A 128 9.64 -1.99 23.06
CA ASP A 128 10.91 -1.89 23.78
C ASP A 128 11.32 -3.25 24.33
N MET A 129 11.54 -4.18 23.38
CA MET A 129 11.73 -5.59 23.66
C MET A 129 12.90 -6.15 22.88
N PHE A 130 13.63 -7.06 23.50
CA PHE A 130 14.45 -8.04 22.81
C PHE A 130 13.64 -9.32 22.68
N ILE A 131 13.57 -9.85 21.46
CA ILE A 131 12.91 -11.13 21.19
CA ILE A 131 12.92 -11.14 21.22
C ILE A 131 13.93 -12.07 20.57
N ASN A 132 14.12 -13.25 21.17
CA ASN A 132 15.03 -14.26 20.63
C ASN A 132 14.20 -15.26 19.83
N VAL A 133 14.04 -14.99 18.53
CA VAL A 133 13.18 -15.82 17.70
C VAL A 133 13.76 -17.22 17.51
N ASP A 134 15.08 -17.37 17.45
CA ASP A 134 15.62 -18.71 17.21
C ASP A 134 15.28 -19.63 18.37
N TYR A 135 15.54 -19.17 19.60
CA TYR A 135 15.25 -20.02 20.76
C TYR A 135 13.75 -20.22 20.93
N LEU A 136 12.93 -19.21 20.63
CA LEU A 136 11.49 -19.39 20.72
C LEU A 136 11.00 -20.43 19.71
N THR A 137 11.49 -20.37 18.48
CA THR A 137 11.19 -21.41 17.48
C THR A 137 11.57 -22.80 17.99
N GLU A 138 12.76 -22.91 18.58
CA GLU A 138 13.20 -24.19 19.14
C GLU A 138 12.25 -24.68 20.24
N LEU A 139 11.87 -23.80 21.16
CA LEU A 139 10.98 -24.22 22.25
C LEU A 139 9.57 -24.56 21.73
N LEU A 140 9.12 -23.87 20.68
CA LEU A 140 7.78 -24.15 20.14
C LEU A 140 7.75 -25.51 19.47
N LEU A 141 8.77 -25.81 18.64
CA LEU A 141 8.85 -27.13 18.03
C LEU A 141 8.94 -28.22 19.10
N LYS A 142 9.66 -27.95 20.18
CA LYS A 142 9.75 -28.97 21.22
C LYS A 142 8.41 -29.18 21.94
N LYS A 143 7.60 -28.13 22.08
CA LYS A 143 6.42 -28.20 22.94
C LYS A 143 5.32 -29.16 22.41
N ASN A 144 5.20 -29.34 21.09
CA ASN A 144 4.15 -30.17 20.47
C ASN A 144 2.76 -29.76 20.93
N ARG A 145 2.54 -28.46 21.09
CA ARG A 145 1.21 -27.91 21.38
C ARG A 145 0.88 -27.01 20.20
N THR A 146 0.03 -27.49 19.30
CA THR A 146 -0.23 -26.80 18.04
C THR A 146 -1.61 -26.16 17.93
N THR A 147 -2.49 -26.38 18.91
CA THR A 147 -3.81 -25.74 18.90
C THR A 147 -4.22 -25.35 20.32
N ARG A 148 -5.05 -24.32 20.41
CA ARG A 148 -5.54 -23.83 21.70
C ARG A 148 -4.38 -23.65 22.67
N PHE A 149 -3.28 -23.11 22.14
CA PHE A 149 -2.03 -22.92 22.89
C PHE A 149 -1.80 -21.43 23.14
N PHE A 150 -1.43 -21.08 24.37
CA PHE A 150 -1.22 -19.68 24.75
C PHE A 150 -0.23 -19.65 25.90
N THR A 151 0.86 -18.88 25.73
CA THR A 151 1.92 -18.82 26.72
C THR A 151 2.57 -17.42 26.75
N GLY A 152 3.47 -17.24 27.69
CA GLY A 152 4.19 -15.99 27.89
C GLY A 152 4.63 -15.92 29.35
N PHE A 153 4.58 -14.73 29.92
CA PHE A 153 4.80 -14.58 31.35
C PHE A 153 3.44 -14.64 32.02
N LEU A 154 3.18 -15.74 32.73
CA LEU A 154 1.84 -15.97 33.26
C LEU A 154 1.62 -15.09 34.48
N LYS A 155 0.44 -14.49 34.54
CA LYS A 155 0.04 -13.68 35.69
C LYS A 155 -1.27 -14.26 36.20
N LEU A 156 -1.21 -15.10 37.24
CA LEU A 156 -2.34 -15.96 37.55
C LEU A 156 -3.28 -15.41 38.62
N ASN A 157 -2.82 -14.53 39.51
CA ASN A 157 -3.74 -14.06 40.54
C ASN A 157 -3.57 -12.55 40.72
N GLU A 158 -3.92 -11.78 39.71
CA GLU A 158 -3.62 -10.36 39.72
C GLU A 158 -4.81 -9.58 40.23
N PHE A 159 -4.51 -8.53 40.93
CA PHE A 159 -5.55 -7.66 41.42
C PHE A 159 -5.54 -6.39 40.60
N PRO A 160 -6.69 -5.89 40.21
CA PRO A 160 -6.72 -4.63 39.46
C PRO A 160 -6.10 -3.52 40.29
N ILE A 161 -5.44 -2.59 39.60
CA ILE A 161 -4.83 -1.45 40.26
C ILE A 161 -5.91 -0.41 40.48
N ARG A 162 -6.19 -0.12 41.74
CA ARG A 162 -7.18 0.90 42.10
C ARG A 162 -6.56 2.26 42.46
N GLN A 163 -5.24 2.45 42.28
CA GLN A 163 -4.65 3.77 42.57
C GLN A 163 -4.94 4.71 41.41
N PRO A 164 -5.73 5.76 41.64
CA PRO A 164 -6.34 6.48 40.49
C PRO A 164 -5.38 7.13 39.54
N PHE A 165 -4.14 7.39 39.96
CA PHE A 165 -3.15 8.01 39.11
C PHE A 165 -2.17 7.03 38.49
N SER A 166 -2.20 5.76 38.89
CA SER A 166 -1.34 4.76 38.29
C SER A 166 -1.66 4.64 36.80
N LYS A 167 -0.63 4.39 36.00
CA LYS A 167 -0.83 4.22 34.58
C LYS A 167 -1.80 3.08 34.27
N TRP A 168 -1.85 2.05 35.11
CA TRP A 168 -2.73 0.91 34.92
C TRP A 168 -4.01 0.97 35.75
N PHE A 169 -4.37 2.13 36.27
CA PHE A 169 -5.57 2.25 37.10
C PHE A 169 -6.83 1.85 36.32
N VAL A 170 -7.70 1.05 36.94
CA VAL A 170 -9.04 0.84 36.42
C VAL A 170 -10.04 1.05 37.56
N SER A 171 -11.07 1.81 37.29
CA SER A 171 -12.11 2.07 38.26
C SER A 171 -12.97 0.81 38.44
N LYS A 172 -13.79 0.84 39.48
CA LYS A 172 -14.71 -0.26 39.72
C LYS A 172 -15.75 -0.38 38.62
N SER A 173 -16.16 0.74 38.03
CA SER A 173 -17.11 0.65 36.94
C SER A 173 -16.44 0.13 35.67
N GLU A 174 -15.13 0.41 35.49
CA GLU A 174 -14.41 -0.13 34.35
C GLU A 174 -14.19 -1.62 34.53
N TYR A 175 -13.83 -2.05 35.73
CA TYR A 175 -13.67 -3.47 36.01
C TYR A 175 -14.09 -3.72 37.45
N PRO A 176 -15.23 -4.35 37.69
CA PRO A 176 -15.84 -4.31 39.03
C PRO A 176 -15.48 -5.46 39.94
N TRP A 177 -14.60 -6.37 39.57
CA TRP A 177 -14.36 -7.53 40.42
C TRP A 177 -13.00 -7.44 41.08
N ASP A 178 -12.79 -8.32 42.07
CA ASP A 178 -11.59 -8.23 42.90
C ASP A 178 -10.34 -8.71 42.17
N ARG A 179 -10.45 -9.71 41.32
CA ARG A 179 -9.30 -10.31 40.67
C ARG A 179 -9.49 -10.29 39.16
N TYR A 180 -8.37 -10.27 38.46
CA TYR A 180 -8.34 -10.41 37.02
C TYR A 180 -8.34 -11.90 36.66
N PRO A 181 -8.84 -12.27 35.50
CA PRO A 181 -8.66 -13.65 35.05
C PRO A 181 -7.19 -13.92 34.88
N PRO A 182 -6.81 -15.17 34.63
CA PRO A 182 -5.43 -15.45 34.27
C PRO A 182 -5.13 -14.78 32.93
N PHE A 183 -3.94 -14.17 32.81
CA PHE A 183 -3.52 -13.55 31.55
C PHE A 183 -1.99 -13.55 31.48
N CYS A 184 -1.46 -13.20 30.32
CA CYS A 184 -0.01 -13.12 30.12
C CYS A 184 0.41 -11.67 29.89
N SER A 185 1.58 -11.28 30.43
CA SER A 185 2.08 -9.90 30.18
C SER A 185 1.99 -9.53 28.70
N GLY A 186 1.42 -8.36 28.44
CA GLY A 186 1.33 -7.85 27.06
C GLY A 186 2.66 -7.38 26.53
N THR A 187 3.73 -7.49 27.33
CA THR A 187 5.09 -7.19 26.84
C THR A 187 5.42 -8.12 25.70
N GLY A 188 4.87 -9.34 25.74
CA GLY A 188 5.15 -10.38 24.75
C GLY A 188 4.44 -11.67 25.11
N TYR A 189 3.48 -12.08 24.30
CA TYR A 189 2.75 -13.36 24.51
C TYR A 189 2.62 -14.07 23.17
N VAL A 190 2.56 -15.40 23.24
CA VAL A 190 2.53 -16.24 22.01
C VAL A 190 1.33 -17.20 22.04
N PHE A 191 0.72 -17.40 20.89
CA PHE A 191 -0.43 -18.32 20.79
C PHE A 191 -0.44 -19.06 19.45
N SER A 192 -1.03 -20.26 19.42
CA SER A 192 -1.18 -20.92 18.12
C SER A 192 -2.21 -20.14 17.29
N GLY A 193 -2.03 -20.16 15.96
CA GLY A 193 -2.80 -19.24 15.12
C GLY A 193 -4.32 -19.42 15.20
N ASP A 194 -4.78 -20.66 15.38
CA ASP A 194 -6.21 -20.89 15.55
C ASP A 194 -6.82 -20.04 16.65
N VAL A 195 -6.03 -19.78 17.71
CA VAL A 195 -6.57 -19.05 18.83
C VAL A 195 -7.08 -17.69 18.40
N ALA A 196 -6.43 -17.07 17.41
CA ALA A 196 -6.88 -15.76 16.98
C ALA A 196 -8.33 -15.82 16.56
N SER A 197 -8.69 -16.83 15.77
CA SER A 197 -10.07 -16.91 15.30
C SER A 197 -11.02 -17.02 16.47
N GLN A 198 -10.71 -17.89 17.41
CA GLN A 198 -11.60 -18.07 18.55
C GLN A 198 -11.71 -16.77 19.32
N VAL A 199 -10.58 -16.10 19.56
CA VAL A 199 -10.65 -14.89 20.37
C VAL A 199 -11.50 -13.87 19.65
N TYR A 200 -11.26 -13.71 18.34
CA TYR A 200 -12.04 -12.73 17.61
C TYR A 200 -13.51 -13.08 17.67
N ASN A 201 -13.82 -14.37 17.55
CA ASN A 201 -15.23 -14.77 17.56
C ASN A 201 -15.91 -14.38 18.86
N VAL A 202 -15.22 -14.53 20.01
CA VAL A 202 -15.93 -14.25 21.25
C VAL A 202 -15.78 -12.80 21.68
N SER A 203 -14.89 -12.03 21.04
CA SER A 203 -14.49 -10.75 21.62
C SER A 203 -15.71 -9.88 21.91
N LYS A 204 -16.67 -9.83 21.00
CA LYS A 204 -17.80 -8.94 21.22
C LYS A 204 -18.73 -9.35 22.36
N SER A 205 -18.63 -10.58 22.89
CA SER A 205 -19.48 -10.97 24.02
C SER A 205 -18.77 -10.92 25.37
N VAL A 206 -17.52 -10.47 25.41
CA VAL A 206 -16.70 -10.42 26.62
C VAL A 206 -16.71 -8.99 27.16
N PRO A 207 -16.88 -8.76 28.47
CA PRO A 207 -16.81 -7.38 28.99
C PRO A 207 -15.52 -6.70 28.55
N TYR A 208 -15.65 -5.48 28.04
CA TYR A 208 -14.49 -4.75 27.57
C TYR A 208 -13.64 -4.32 28.75
N ILE A 209 -12.33 -4.21 28.52
CA ILE A 209 -11.44 -3.56 29.47
C ILE A 209 -10.30 -2.97 28.67
N LYS A 210 -9.88 -1.78 29.07
CA LYS A 210 -8.90 -1.04 28.30
C LYS A 210 -7.48 -1.59 28.40
N LEU A 211 -7.21 -2.56 29.29
CA LEU A 211 -5.90 -3.24 29.34
C LEU A 211 -5.93 -4.46 28.42
N GLU A 212 -5.15 -4.42 27.34
CA GLU A 212 -5.29 -5.41 26.26
C GLU A 212 -4.98 -6.83 26.72
N ASP A 213 -3.91 -7.00 27.50
CA ASP A 213 -3.56 -8.37 27.87
C ASP A 213 -4.60 -8.97 28.79
N VAL A 214 -5.19 -8.16 29.67
CA VAL A 214 -6.31 -8.64 30.48
C VAL A 214 -7.50 -8.98 29.60
N PHE A 215 -7.80 -8.14 28.59
CA PHE A 215 -8.96 -8.44 27.78
C PHE A 215 -8.79 -9.80 27.12
N VAL A 216 -7.62 -10.03 26.51
CA VAL A 216 -7.39 -11.32 25.87
C VAL A 216 -7.53 -12.45 26.89
N GLY A 217 -7.08 -12.22 28.13
CA GLY A 217 -7.30 -13.21 29.16
C GLY A 217 -8.77 -13.50 29.41
N LEU A 218 -9.58 -12.46 29.41
CA LEU A 218 -11.02 -12.68 29.54
C LEU A 218 -11.54 -13.56 28.41
N CYS A 219 -11.09 -13.31 27.18
CA CYS A 219 -11.56 -14.15 26.07
C CYS A 219 -11.09 -15.59 26.24
N LEU A 220 -9.82 -15.80 26.54
CA LEU A 220 -9.31 -17.15 26.71
C LEU A 220 -10.09 -17.90 27.78
N GLU A 221 -10.41 -17.21 28.86
CA GLU A 221 -11.20 -17.81 29.93
C GLU A 221 -12.59 -18.20 29.44
N ARG A 222 -13.21 -17.35 28.63
CA ARG A 222 -14.50 -17.72 28.03
C ARG A 222 -14.37 -18.92 27.10
N LEU A 223 -13.23 -19.06 26.41
CA LEU A 223 -13.03 -20.19 25.51
C LEU A 223 -12.52 -21.45 26.22
N ASN A 224 -12.28 -21.39 27.52
CA ASN A 224 -11.72 -22.55 28.27
C ASN A 224 -10.30 -22.87 27.76
N ILE A 225 -9.60 -21.86 27.23
CA ILE A 225 -8.18 -22.03 26.82
C ILE A 225 -7.31 -21.71 28.03
N ARG A 226 -6.61 -22.71 28.53
CA ARG A 226 -5.80 -22.51 29.76
C ARG A 226 -4.37 -22.07 29.40
N LEU A 227 -3.82 -21.20 30.24
CA LEU A 227 -2.45 -20.68 30.04
C LEU A 227 -1.43 -21.74 30.42
N GLU A 228 -0.40 -21.89 29.62
CA GLU A 228 0.66 -22.85 29.97
C GLU A 228 2.06 -22.24 29.83
N GLU A 229 3.01 -22.71 30.65
CA GLU A 229 4.41 -22.27 30.56
C GLU A 229 5.06 -22.87 29.30
N LEU A 230 5.90 -22.10 28.64
CA LEU A 230 6.56 -22.53 27.39
C LEU A 230 7.66 -23.55 27.69
N HIS A 231 8.23 -23.49 28.88
CA HIS A 231 9.42 -24.29 29.13
C HIS A 231 9.59 -24.44 30.62
N SER A 232 10.42 -25.41 31.00
CA SER A 232 10.63 -25.68 32.42
C SER A 232 11.38 -24.55 33.09
N GLN A 233 12.05 -23.70 32.31
CA GLN A 233 12.72 -22.53 32.85
C GLN A 233 12.02 -21.27 32.39
N PRO A 234 11.98 -20.21 33.19
CA PRO A 234 11.34 -18.97 32.73
C PRO A 234 12.04 -18.44 31.48
N THR A 235 11.25 -17.94 30.52
CA THR A 235 11.81 -17.44 29.28
C THR A 235 11.31 -16.07 28.89
N PHE A 236 10.27 -15.56 29.53
CA PHE A 236 9.72 -14.24 29.27
C PHE A 236 10.02 -13.38 30.48
N PHE A 237 10.52 -12.17 30.26
CA PHE A 237 11.02 -11.35 31.37
C PHE A 237 10.47 -9.94 31.23
N PRO A 238 9.23 -9.71 31.67
CA PRO A 238 8.70 -8.35 31.69
C PRO A 238 9.47 -7.43 32.59
N GLY A 239 10.16 -7.93 33.61
CA GLY A 239 10.90 -6.99 34.45
C GLY A 239 12.25 -6.57 33.92
N GLY A 240 12.67 -7.14 32.81
CA GLY A 240 13.97 -6.85 32.28
C GLY A 240 15.03 -7.75 32.89
N LEU A 241 16.24 -7.67 32.34
CA LEU A 241 17.30 -8.58 32.70
C LEU A 241 18.65 -7.90 32.62
N ARG A 242 19.57 -8.41 33.42
CA ARG A 242 20.98 -7.99 33.29
C ARG A 242 21.49 -8.72 32.05
N PHE A 243 22.04 -7.99 31.10
CA PHE A 243 22.44 -8.60 29.81
C PHE A 243 23.72 -9.42 29.87
N SER A 244 23.68 -10.56 29.21
CA SER A 244 24.86 -11.43 29.01
C SER A 244 24.51 -12.14 27.70
N VAL A 245 25.50 -12.40 26.87
CA VAL A 245 25.26 -13.12 25.59
C VAL A 245 24.68 -14.51 25.91
N CYS A 246 25.15 -15.14 26.96
CA CYS A 246 24.74 -16.53 27.26
C CYS A 246 23.31 -16.59 27.82
N LEU A 247 22.89 -15.62 28.63
CA LEU A 247 21.49 -15.54 29.09
C LEU A 247 20.57 -15.23 27.90
N PHE A 248 20.96 -14.30 27.05
CA PHE A 248 20.07 -13.85 25.94
C PHE A 248 19.98 -14.96 24.90
N ARG A 249 20.96 -15.84 24.84
CA ARG A 249 20.77 -16.99 23.96
C ARG A 249 19.73 -17.99 24.46
N ARG A 250 19.38 -17.98 25.75
CA ARG A 250 18.45 -18.96 26.30
C ARG A 250 17.23 -18.27 26.94
N ILE A 251 16.75 -17.19 26.33
CA ILE A 251 15.49 -16.55 26.74
C ILE A 251 14.70 -16.31 25.48
N VAL A 252 13.42 -16.01 25.66
CA VAL A 252 12.54 -15.68 24.56
C VAL A 252 12.35 -14.18 24.42
N ALA A 253 12.05 -13.48 25.52
CA ALA A 253 11.69 -12.08 25.44
C ALA A 253 12.15 -11.36 26.68
N CYS A 254 12.63 -10.13 26.49
CA CYS A 254 13.12 -9.28 27.56
C CYS A 254 12.66 -7.87 27.31
N HIS A 255 12.06 -7.25 28.30
CA HIS A 255 11.46 -5.92 28.26
C HIS A 255 12.45 -4.87 28.76
N PHE A 256 12.06 -3.58 28.62
CA PHE A 256 12.82 -2.42 29.05
C PHE A 256 14.09 -2.23 28.23
N ILE A 257 13.97 -2.36 26.91
CA ILE A 257 15.10 -2.30 25.99
CA ILE A 257 15.13 -2.27 26.02
C ILE A 257 14.85 -1.20 24.97
N LYS A 258 15.55 -0.08 25.08
CA LYS A 258 15.40 1.02 24.15
C LYS A 258 16.12 0.74 22.83
N PRO A 259 15.87 1.54 21.80
CA PRO A 259 16.38 1.18 20.47
C PRO A 259 17.90 1.05 20.40
N ARG A 260 18.64 2.04 20.92
CA ARG A 260 20.12 1.94 20.95
C ARG A 260 20.56 0.64 21.59
N THR A 261 19.99 0.34 22.76
CA THR A 261 20.32 -0.88 23.48
C THR A 261 20.00 -2.11 22.66
N LEU A 262 18.83 -2.13 22.02
CA LEU A 262 18.47 -3.27 21.19
C LEU A 262 19.53 -3.51 20.13
N LEU A 263 19.96 -2.45 19.45
CA LEU A 263 20.97 -2.64 18.42
C LEU A 263 22.29 -3.13 19.01
N ASP A 264 22.70 -2.57 20.17
CA ASP A 264 23.97 -3.01 20.77
C ASP A 264 23.90 -4.49 21.14
N TYR A 265 22.78 -4.93 21.72
CA TYR A 265 22.62 -6.33 22.10
C TYR A 265 22.63 -7.21 20.87
N TRP A 266 21.95 -6.79 19.81
CA TRP A 266 21.94 -7.58 18.58
C TRP A 266 23.35 -7.72 18.05
N GLN A 267 24.11 -6.62 18.05
CA GLN A 267 25.49 -6.66 17.62
C GLN A 267 26.31 -7.59 18.50
N ALA A 268 26.09 -7.55 19.81
CA ALA A 268 26.81 -8.45 20.70
C ALA A 268 26.53 -9.90 20.34
N LEU A 269 25.27 -10.25 20.08
CA LEU A 269 24.96 -11.63 19.73
C LEU A 269 25.59 -12.02 18.41
N GLU A 270 25.66 -11.10 17.44
CA GLU A 270 26.41 -11.38 16.22
C GLU A 270 27.89 -11.56 16.51
N ASN A 271 28.52 -10.59 17.19
CA ASN A 271 29.97 -10.68 17.41
C ASN A 271 30.37 -11.99 18.07
N SER A 272 29.49 -12.56 18.90
CA SER A 272 29.85 -13.71 19.74
C SER A 272 29.32 -15.02 19.19
N ARG A 273 28.71 -15.00 18.02
CA ARG A 273 28.21 -16.21 17.39
C ARG A 273 29.35 -17.20 17.25
N GLY A 274 29.09 -18.49 17.40
CA GLY A 274 30.23 -19.40 17.15
C GLY A 274 31.07 -19.63 18.40
N GLU A 275 30.98 -18.75 19.38
CA GLU A 275 31.67 -19.05 20.65
C GLU A 275 30.69 -19.91 21.44
N ASP A 276 31.20 -20.65 22.42
CA ASP A 276 30.29 -21.55 23.15
C ASP A 276 29.94 -20.94 24.51
N CYS A 277 28.79 -21.35 25.03
CA CYS A 277 28.32 -20.85 26.33
C CYS A 277 28.17 -22.08 27.22
N PRO A 278 28.57 -22.07 28.50
CA PRO A 278 28.51 -23.29 29.33
C PRO A 278 27.28 -24.10 28.95
N ASN B 13 -22.30 19.82 -15.20
CA ASN B 13 -21.29 19.13 -16.00
C ASN B 13 -19.86 19.34 -15.48
N PHE B 14 -19.14 20.25 -16.14
CA PHE B 14 -17.72 20.47 -15.86
C PHE B 14 -17.52 21.65 -14.91
N LEU B 15 -16.69 21.45 -13.87
CA LEU B 15 -16.35 22.52 -12.93
C LEU B 15 -15.33 23.50 -13.50
N LYS B 16 -14.37 23.03 -14.30
CA LYS B 16 -13.41 23.88 -14.96
C LYS B 16 -13.24 23.36 -16.37
N LEU B 17 -13.16 24.26 -17.35
CA LEU B 17 -12.96 23.81 -18.72
C LEU B 17 -11.79 24.54 -19.35
N PRO B 18 -10.97 23.84 -20.12
CA PRO B 18 -9.90 24.52 -20.85
C PRO B 18 -10.52 25.36 -21.96
N ASP B 19 -10.01 26.60 -22.07
CA ASP B 19 -10.44 27.52 -23.15
C ASP B 19 -9.83 27.02 -24.46
N THR B 20 -10.64 26.39 -25.29
CA THR B 20 -10.13 25.80 -26.52
C THR B 20 -11.26 25.57 -27.51
N ASP B 21 -10.97 25.76 -28.80
CA ASP B 21 -11.89 25.38 -29.87
C ASP B 21 -11.12 24.45 -30.81
N CYS B 22 -11.21 23.14 -30.59
CA CYS B 22 -10.57 22.20 -31.49
C CYS B 22 -11.17 22.26 -32.88
N ARG B 23 -12.40 22.72 -33.02
CA ARG B 23 -13.01 22.84 -34.33
C ARG B 23 -12.29 23.89 -35.15
N GLN B 24 -11.92 25.01 -34.52
CA GLN B 24 -11.04 26.00 -35.16
C GLN B 24 -9.65 25.41 -35.39
N THR B 25 -9.11 24.69 -34.39
CA THR B 25 -7.76 24.14 -34.42
C THR B 25 -7.84 22.64 -34.18
N PRO B 26 -8.12 21.85 -35.22
CA PRO B 26 -8.17 20.39 -35.04
C PRO B 26 -6.82 19.87 -34.58
N PRO B 27 -6.71 19.45 -33.33
CA PRO B 27 -5.40 18.99 -32.83
C PRO B 27 -5.03 17.64 -33.42
N PHE B 28 -3.73 17.46 -33.68
CA PHE B 28 -3.30 16.14 -34.11
C PHE B 28 -3.19 15.20 -32.92
N LEU B 29 -2.71 15.69 -31.79
CA LEU B 29 -2.58 14.85 -30.60
C LEU B 29 -3.05 15.65 -29.40
N VAL B 30 -4.02 15.10 -28.69
CA VAL B 30 -4.48 15.63 -27.42
C VAL B 30 -3.99 14.70 -26.33
N LEU B 31 -3.30 15.25 -25.32
CA LEU B 31 -2.81 14.51 -24.18
C LEU B 31 -3.64 14.84 -22.94
N LEU B 32 -4.18 13.81 -22.29
CA LEU B 32 -4.93 13.95 -21.05
C LEU B 32 -4.14 13.28 -19.95
N VAL B 33 -3.66 14.06 -18.99
CA VAL B 33 -2.76 13.59 -17.94
C VAL B 33 -3.53 13.52 -16.62
N THR B 34 -3.50 12.35 -16.00
CA THR B 34 -4.13 12.15 -14.70
C THR B 34 -3.11 12.42 -13.60
N SER B 35 -3.52 13.21 -12.60
CA SER B 35 -2.69 13.46 -11.43
C SER B 35 -3.59 13.83 -10.25
N SER B 36 -3.06 13.69 -9.04
CA SER B 36 -3.79 14.09 -7.85
C SER B 36 -3.57 15.56 -7.55
N HIS B 37 -4.34 16.08 -6.59
CA HIS B 37 -4.27 17.50 -6.30
C HIS B 37 -2.88 17.87 -5.79
N LYS B 38 -2.29 17.02 -4.95
CA LYS B 38 -1.00 17.30 -4.32
C LYS B 38 0.19 17.07 -5.25
N GLN B 39 -0.02 16.66 -6.50
CA GLN B 39 1.06 16.39 -7.45
C GLN B 39 1.41 17.61 -8.30
N LEU B 40 1.46 18.80 -7.70
CA LEU B 40 1.82 20.01 -8.44
C LEU B 40 3.20 19.88 -9.09
N ALA B 41 4.15 19.28 -8.39
CA ALA B 41 5.48 19.09 -8.95
C ALA B 41 5.43 18.33 -10.27
N GLU B 42 4.64 17.25 -10.32
CA GLU B 42 4.51 16.46 -11.53
C GLU B 42 3.93 17.28 -12.67
N ARG B 43 2.83 17.97 -12.42
CA ARG B 43 2.19 18.71 -13.50
C ARG B 43 3.11 19.82 -14.00
N MET B 44 3.88 20.44 -13.11
CA MET B 44 4.80 21.48 -13.56
C MET B 44 5.96 20.87 -14.35
N ALA B 45 6.52 19.75 -13.89
CA ALA B 45 7.57 19.10 -14.65
C ALA B 45 7.09 18.78 -16.04
N ILE B 46 5.83 18.34 -16.16
CA ILE B 46 5.28 18.00 -17.46
C ILE B 46 5.05 19.25 -18.30
N ARG B 47 4.51 20.31 -17.70
CA ARG B 47 4.30 21.55 -18.45
C ARG B 47 5.60 22.13 -18.98
N GLN B 48 6.70 21.89 -18.26
CA GLN B 48 8.01 22.34 -18.69
C GLN B 48 8.68 21.38 -19.66
N THR B 49 8.11 20.20 -19.88
CA THR B 49 8.73 19.25 -20.78
C THR B 49 7.76 18.74 -21.85
N TRP B 50 7.49 17.44 -21.87
CA TRP B 50 6.71 16.91 -22.98
C TRP B 50 5.29 17.46 -23.02
N GLY B 51 4.83 18.12 -21.95
CA GLY B 51 3.51 18.70 -22.01
C GLY B 51 3.45 20.06 -22.67
N LYS B 52 4.61 20.63 -23.01
CA LYS B 52 4.63 21.97 -23.59
C LYS B 52 3.97 21.95 -24.95
N GLU B 53 2.96 22.81 -25.12
CA GLU B 53 2.16 22.81 -26.33
C GLU B 53 2.96 23.38 -27.50
N ARG B 54 2.74 22.84 -28.70
CA ARG B 54 3.60 23.22 -29.80
C ARG B 54 3.19 22.51 -31.09
N MET B 55 3.82 22.97 -32.18
CA MET B 55 3.70 22.36 -33.49
C MET B 55 4.78 21.31 -33.64
N VAL B 56 4.36 20.11 -34.03
CA VAL B 56 5.26 18.99 -34.28
C VAL B 56 4.95 18.49 -35.69
N LYS B 57 5.82 18.82 -36.64
CA LYS B 57 5.59 18.46 -38.05
C LYS B 57 4.31 19.10 -38.57
N GLY B 58 4.04 20.33 -38.14
CA GLY B 58 2.79 20.95 -38.55
C GLY B 58 1.57 20.35 -37.92
N LYS B 59 1.74 19.48 -36.92
CA LYS B 59 0.64 18.85 -36.21
C LYS B 59 0.53 19.46 -34.82
N GLN B 60 -0.70 19.75 -34.39
CA GLN B 60 -0.88 20.46 -33.12
C GLN B 60 -0.87 19.50 -31.93
N LEU B 61 -0.13 19.87 -30.89
CA LEU B 61 -0.12 19.14 -29.63
C LEU B 61 -0.85 19.96 -28.59
N LYS B 62 -1.81 19.34 -27.91
CA LYS B 62 -2.54 19.99 -26.83
C LYS B 62 -2.42 19.14 -25.58
N THR B 63 -2.32 19.79 -24.42
CA THR B 63 -2.08 19.04 -23.20
C THR B 63 -2.94 19.57 -22.06
N PHE B 64 -3.70 18.68 -21.44
CA PHE B 64 -4.59 19.02 -20.34
C PHE B 64 -4.42 18.05 -19.20
N PHE B 65 -4.73 18.52 -18.00
CA PHE B 65 -4.68 17.71 -16.80
C PHE B 65 -6.09 17.47 -16.30
N LEU B 66 -6.38 16.23 -15.96
CA LEU B 66 -7.70 15.82 -15.51
C LEU B 66 -7.72 15.79 -13.98
N LEU B 67 -8.62 16.56 -13.37
CA LEU B 67 -8.78 16.58 -11.92
C LEU B 67 -10.24 16.50 -11.55
N GLY B 68 -10.49 15.86 -10.41
CA GLY B 68 -11.75 15.90 -9.70
C GLY B 68 -11.76 16.91 -8.58
N THR B 69 -12.45 16.58 -7.49
CA THR B 69 -12.59 17.47 -6.34
C THR B 69 -11.95 16.83 -5.12
N THR B 70 -11.69 17.64 -4.09
CA THR B 70 -11.03 17.12 -2.89
C THR B 70 -11.64 17.73 -1.64
N SER B 71 -11.55 17.00 -0.54
CA SER B 71 -12.01 17.49 0.75
C SER B 71 -11.14 18.63 1.26
N SER B 72 -9.83 18.37 1.39
CA SER B 72 -8.88 19.39 1.84
C SER B 72 -9.14 20.73 1.17
N ALA B 73 -9.27 21.78 1.99
CA ALA B 73 -9.46 23.12 1.45
C ALA B 73 -8.18 23.67 0.87
N ALA B 74 -7.03 23.34 1.49
CA ALA B 74 -5.75 23.76 0.96
C ALA B 74 -5.54 23.25 -0.47
N GLU B 75 -5.78 21.96 -0.69
CA GLU B 75 -5.61 21.38 -2.02
C GLU B 75 -6.56 22.03 -3.03
N THR B 76 -7.83 22.20 -2.65
CA THR B 76 -8.78 22.87 -3.54
C THR B 76 -8.28 24.26 -3.89
N LYS B 77 -7.71 24.93 -2.90
CA LYS B 77 -7.18 26.27 -3.03
C LYS B 77 -6.05 26.30 -4.06
N GLU B 78 -5.04 25.47 -3.82
CA GLU B 78 -3.91 25.34 -4.73
C GLU B 78 -4.37 25.04 -6.15
N VAL B 79 -5.33 24.12 -6.29
CA VAL B 79 -5.69 23.65 -7.63
C VAL B 79 -6.50 24.71 -8.38
N ASP B 80 -7.43 25.39 -7.71
CA ASP B 80 -8.14 26.44 -8.42
C ASP B 80 -7.22 27.58 -8.82
N GLN B 81 -6.27 27.96 -7.96
CA GLN B 81 -5.32 28.97 -8.40
C GLN B 81 -4.45 28.48 -9.55
N GLU B 82 -4.02 27.22 -9.49
CA GLU B 82 -3.26 26.64 -10.60
C GLU B 82 -4.05 26.71 -11.89
N SER B 83 -5.35 26.42 -11.83
CA SER B 83 -6.19 26.54 -13.00
C SER B 83 -6.21 27.97 -13.48
N GLN B 84 -6.37 28.91 -12.55
CA GLN B 84 -6.37 30.32 -12.93
C GLN B 84 -5.10 30.69 -13.67
N ARG B 85 -3.95 30.26 -13.15
CA ARG B 85 -2.67 30.65 -13.73
C ARG B 85 -2.41 29.93 -15.05
N HIS B 86 -2.94 28.72 -15.23
CA HIS B 86 -2.59 27.91 -16.41
C HIS B 86 -3.76 27.57 -17.33
N GLY B 87 -5.01 27.65 -16.87
CA GLY B 87 -6.13 27.39 -17.76
C GLY B 87 -6.11 26.09 -18.57
N ASP B 88 -5.50 25.04 -18.04
CA ASP B 88 -5.33 23.79 -18.78
C ASP B 88 -5.92 22.59 -18.04
N ILE B 89 -6.86 22.81 -17.11
CA ILE B 89 -7.43 21.76 -16.28
C ILE B 89 -8.84 21.40 -16.74
N ILE B 90 -9.14 20.10 -16.70
CA ILE B 90 -10.47 19.56 -16.96
C ILE B 90 -10.98 18.97 -15.65
N GLN B 91 -12.09 19.50 -15.14
CA GLN B 91 -12.58 19.09 -13.84
C GLN B 91 -14.07 18.86 -13.84
N LYS B 92 -14.49 17.84 -13.11
CA LYS B 92 -15.89 17.57 -12.79
C LYS B 92 -15.94 17.22 -11.31
N ASP B 93 -17.15 17.23 -10.76
CA ASP B 93 -17.33 17.07 -9.32
C ASP B 93 -17.41 15.58 -8.98
N PHE B 94 -16.26 14.97 -8.74
CA PHE B 94 -16.22 13.63 -8.17
C PHE B 94 -15.02 13.53 -7.25
N LEU B 95 -15.16 12.78 -6.16
CA LEU B 95 -14.09 12.69 -5.19
C LEU B 95 -12.86 12.07 -5.83
N ASP B 96 -11.79 12.86 -5.97
CA ASP B 96 -10.60 12.43 -6.70
C ASP B 96 -9.77 11.47 -5.85
N VAL B 97 -10.07 10.18 -5.98
CA VAL B 97 -9.33 9.13 -5.29
C VAL B 97 -9.17 7.95 -6.23
N TYR B 98 -8.17 7.11 -5.91
CA TYR B 98 -7.79 6.03 -6.79
C TYR B 98 -9.02 5.27 -7.28
N TYR B 99 -9.99 5.05 -6.41
CA TYR B 99 -11.10 4.18 -6.76
C TYR B 99 -12.18 4.89 -7.55
N ASN B 100 -11.96 6.15 -7.89
CA ASN B 100 -12.76 6.84 -8.88
C ASN B 100 -11.97 7.12 -10.16
N LEU B 101 -10.81 6.50 -10.33
CA LEU B 101 -10.01 6.76 -11.53
C LEU B 101 -10.80 6.48 -12.80
N THR B 102 -11.68 5.47 -12.78
CA THR B 102 -12.47 5.19 -13.97
C THR B 102 -13.29 6.43 -14.32
N LEU B 103 -13.93 7.03 -13.32
CA LEU B 103 -14.63 8.29 -13.53
C LEU B 103 -13.72 9.29 -14.21
N LYS B 104 -12.51 9.47 -13.67
CA LYS B 104 -11.60 10.44 -14.27
C LYS B 104 -11.38 10.11 -15.73
N THR B 105 -11.08 8.84 -16.04
CA THR B 105 -10.84 8.51 -17.44
C THR B 105 -12.09 8.81 -18.26
N MET B 106 -13.26 8.39 -17.77
CA MET B 106 -14.46 8.65 -18.55
C MET B 106 -14.70 10.13 -18.72
N MET B 107 -14.35 10.93 -17.70
CA MET B 107 -14.43 12.38 -17.87
C MET B 107 -13.64 12.80 -19.10
N GLY B 108 -12.35 12.44 -19.15
CA GLY B 108 -11.54 12.79 -20.29
C GLY B 108 -12.19 12.36 -21.59
N ILE B 109 -12.66 11.11 -21.64
CA ILE B 109 -13.21 10.64 -22.91
C ILE B 109 -14.42 11.48 -23.27
N GLU B 110 -15.29 11.74 -22.28
CA GLU B 110 -16.47 12.56 -22.56
C GLU B 110 -16.06 13.88 -23.19
N TRP B 111 -15.03 14.52 -22.62
CA TRP B 111 -14.59 15.81 -23.15
C TRP B 111 -14.23 15.67 -24.62
N VAL B 112 -13.38 14.68 -24.94
CA VAL B 112 -12.97 14.50 -26.33
C VAL B 112 -14.19 14.27 -27.20
N HIS B 113 -15.22 13.58 -26.71
CA HIS B 113 -16.39 13.26 -27.58
C HIS B 113 -17.31 14.47 -27.67
N ARG B 114 -17.25 15.34 -26.67
CA ARG B 114 -18.08 16.53 -26.72
C ARG B 114 -17.38 17.73 -27.35
N PHE B 115 -16.10 17.93 -27.04
CA PHE B 115 -15.47 19.20 -27.38
C PHE B 115 -14.25 19.08 -28.27
N CYS B 116 -13.77 17.89 -28.55
CA CYS B 116 -12.62 17.84 -29.43
C CYS B 116 -12.68 16.60 -30.31
N PRO B 117 -13.85 16.23 -30.83
CA PRO B 117 -13.93 15.05 -31.70
C PRO B 117 -13.13 15.20 -32.98
N GLN B 118 -12.63 16.40 -33.26
CA GLN B 118 -11.79 16.64 -34.43
C GLN B 118 -10.36 16.18 -34.22
N ALA B 119 -10.00 15.82 -32.99
CA ALA B 119 -8.65 15.34 -32.70
C ALA B 119 -8.35 14.07 -33.48
N ALA B 120 -7.24 14.09 -34.24
CA ALA B 120 -6.81 12.85 -34.89
C ALA B 120 -6.51 11.77 -33.86
N PHE B 121 -5.77 12.11 -32.81
CA PHE B 121 -5.34 11.10 -31.85
C PHE B 121 -5.37 11.64 -30.42
N VAL B 122 -5.55 10.74 -29.46
CA VAL B 122 -5.67 11.09 -28.05
C VAL B 122 -4.87 10.11 -27.22
N MET B 123 -4.05 10.63 -26.31
CA MET B 123 -3.29 9.83 -25.37
C MET B 123 -3.72 10.14 -23.94
N LYS B 124 -4.14 9.11 -23.21
CA LYS B 124 -4.36 9.19 -21.78
C LYS B 124 -3.09 8.71 -21.08
N THR B 125 -2.54 9.54 -20.20
CA THR B 125 -1.30 9.17 -19.53
C THR B 125 -1.36 9.53 -18.05
N ASP B 126 -0.56 8.81 -17.26
CA ASP B 126 -0.29 9.10 -15.87
C ASP B 126 0.67 10.29 -15.73
N SER B 127 0.89 10.73 -14.50
CA SER B 127 1.73 11.91 -14.30
C SER B 127 3.21 11.60 -14.23
N ASP B 128 3.56 10.40 -13.76
CA ASP B 128 4.98 10.03 -13.53
C ASP B 128 5.53 9.40 -14.80
N MET B 129 5.43 10.13 -15.90
CA MET B 129 5.80 9.50 -17.17
C MET B 129 6.67 10.40 -18.06
N PHE B 130 7.51 9.76 -18.87
CA PHE B 130 8.26 10.50 -19.90
C PHE B 130 7.51 10.17 -21.17
N ILE B 131 7.08 11.17 -21.90
CA ILE B 131 6.42 10.90 -23.20
C ILE B 131 7.24 11.54 -24.33
N ASN B 132 7.54 10.78 -25.38
CA ASN B 132 8.21 11.34 -26.58
C ASN B 132 7.12 11.62 -27.62
N VAL B 133 6.60 12.84 -27.66
CA VAL B 133 5.51 13.20 -28.60
C VAL B 133 6.05 13.18 -30.05
N ASP B 134 7.32 13.50 -30.23
CA ASP B 134 7.92 13.54 -31.59
C ASP B 134 7.99 12.13 -32.14
N TYR B 135 8.52 11.19 -31.37
CA TYR B 135 8.55 9.84 -31.90
C TYR B 135 7.15 9.26 -32.00
N LEU B 136 6.28 9.60 -31.04
CA LEU B 136 4.90 9.14 -31.11
C LEU B 136 4.23 9.68 -32.35
N THR B 137 4.43 10.97 -32.64
CA THR B 137 3.86 11.56 -33.85
C THR B 137 4.34 10.81 -35.09
N GLU B 138 5.64 10.57 -35.16
CA GLU B 138 6.20 9.88 -36.31
C GLU B 138 5.56 8.49 -36.45
N LEU B 139 5.44 7.77 -35.34
CA LEU B 139 4.89 6.42 -35.42
C LEU B 139 3.42 6.43 -35.76
N LEU B 140 2.67 7.42 -35.30
CA LEU B 140 1.26 7.45 -35.61
C LEU B 140 1.07 7.69 -37.11
N LEU B 141 1.83 8.64 -37.66
CA LEU B 141 1.77 8.87 -39.10
C LEU B 141 2.18 7.63 -39.88
N LYS B 142 3.23 6.93 -39.43
CA LYS B 142 3.67 5.73 -40.15
C LYS B 142 2.66 4.61 -40.04
N LYS B 143 2.01 4.48 -38.87
CA LYS B 143 1.04 3.42 -38.67
C LYS B 143 -0.19 3.65 -39.53
N ASN B 144 -0.55 4.91 -39.75
CA ASN B 144 -1.62 5.23 -40.66
C ASN B 144 -2.91 4.47 -40.30
N ARG B 145 -3.20 4.40 -39.01
CA ARG B 145 -4.44 3.84 -38.50
C ARG B 145 -5.22 4.98 -37.86
N THR B 146 -6.22 5.47 -38.59
CA THR B 146 -6.89 6.73 -38.29
C THR B 146 -8.30 6.57 -37.73
N THR B 147 -8.85 5.36 -37.70
CA THR B 147 -10.15 5.13 -37.11
C THR B 147 -10.12 3.79 -36.38
N ARG B 148 -10.96 3.67 -35.35
CA ARG B 148 -11.09 2.44 -34.58
C ARG B 148 -9.71 1.88 -34.22
N PHE B 149 -8.81 2.77 -33.84
CA PHE B 149 -7.43 2.42 -33.50
C PHE B 149 -7.20 2.63 -32.01
N PHE B 150 -6.53 1.66 -31.38
CA PHE B 150 -6.27 1.73 -29.95
C PHE B 150 -4.99 0.96 -29.67
N THR B 151 -4.01 1.62 -29.04
CA THR B 151 -2.71 1.03 -28.84
C THR B 151 -2.14 1.49 -27.50
N GLY B 152 -1.00 0.92 -27.15
CA GLY B 152 -0.32 1.22 -25.91
C GLY B 152 0.52 0.01 -25.57
N PHE B 153 0.63 -0.32 -24.29
CA PHE B 153 1.24 -1.58 -23.87
C PHE B 153 0.14 -2.61 -23.68
N LEU B 154 0.11 -3.62 -24.54
CA LEU B 154 -1.01 -4.56 -24.58
C LEU B 154 -0.88 -5.57 -23.46
N LYS B 155 -2.00 -5.82 -22.77
CA LYS B 155 -2.10 -6.80 -21.70
C LYS B 155 -3.26 -7.74 -22.04
N LEU B 156 -2.94 -8.89 -22.63
CA LEU B 156 -3.94 -9.71 -23.32
C LEU B 156 -4.47 -10.88 -22.50
N ASN B 157 -3.72 -11.35 -21.51
CA ASN B 157 -4.15 -12.50 -20.70
C ASN B 157 -4.00 -12.15 -19.23
N GLU B 158 -4.79 -11.20 -18.78
CA GLU B 158 -4.72 -10.70 -17.41
C GLU B 158 -5.84 -11.31 -16.60
N PHE B 159 -5.54 -11.63 -15.35
CA PHE B 159 -6.53 -12.18 -14.45
C PHE B 159 -6.80 -11.21 -13.29
N PRO B 160 -8.06 -11.06 -12.89
CA PRO B 160 -8.35 -10.15 -11.79
C PRO B 160 -7.57 -10.55 -10.53
N ILE B 161 -7.09 -9.53 -9.80
CA ILE B 161 -6.31 -9.74 -8.60
C ILE B 161 -7.25 -9.86 -7.39
N ARG B 162 -7.24 -11.03 -6.76
CA ARG B 162 -8.11 -11.31 -5.62
C ARG B 162 -7.45 -11.11 -4.25
N GLN B 163 -6.22 -10.63 -4.20
CA GLN B 163 -5.51 -10.42 -2.94
C GLN B 163 -5.87 -9.10 -2.29
N PRO B 164 -6.56 -9.10 -1.14
CA PRO B 164 -7.09 -7.84 -0.59
C PRO B 164 -6.02 -6.82 -0.24
N PHE B 165 -4.74 -7.20 -0.20
CA PHE B 165 -3.73 -6.20 0.10
C PHE B 165 -3.30 -5.42 -1.14
N SER B 166 -3.60 -5.91 -2.34
CA SER B 166 -3.23 -5.19 -3.55
C SER B 166 -4.08 -3.94 -3.76
N LYS B 167 -3.44 -2.88 -4.27
CA LYS B 167 -4.21 -1.69 -4.63
C LYS B 167 -5.16 -1.99 -5.78
N TRP B 168 -4.84 -3.00 -6.59
CA TRP B 168 -5.69 -3.39 -7.70
C TRP B 168 -6.65 -4.52 -7.34
N PHE B 169 -6.82 -4.81 -6.05
CA PHE B 169 -7.75 -5.86 -5.66
C PHE B 169 -9.16 -5.52 -6.13
N VAL B 170 -9.86 -6.50 -6.70
CA VAL B 170 -11.29 -6.40 -6.97
C VAL B 170 -12.00 -7.65 -6.46
N SER B 171 -13.08 -7.46 -5.73
CA SER B 171 -13.87 -8.57 -5.25
C SER B 171 -14.62 -9.23 -6.40
N LYS B 172 -15.11 -10.44 -6.15
CA LYS B 172 -15.89 -11.15 -7.16
C LYS B 172 -17.23 -10.49 -7.42
N SER B 173 -17.77 -9.76 -6.45
CA SER B 173 -18.92 -8.93 -6.78
C SER B 173 -18.50 -7.74 -7.63
N GLU B 174 -17.30 -7.20 -7.40
CA GLU B 174 -16.86 -6.06 -8.20
C GLU B 174 -16.65 -6.46 -9.66
N TYR B 175 -15.99 -7.59 -9.90
CA TYR B 175 -15.77 -8.18 -11.21
C TYR B 175 -15.81 -9.69 -11.08
N PRO B 176 -16.87 -10.33 -11.55
CA PRO B 176 -17.15 -11.73 -11.20
C PRO B 176 -16.59 -12.78 -12.16
N TRP B 177 -15.79 -12.44 -13.16
CA TRP B 177 -15.34 -13.46 -14.12
C TRP B 177 -13.86 -13.76 -13.89
N ASP B 178 -13.42 -14.87 -14.52
CA ASP B 178 -12.09 -15.41 -14.28
C ASP B 178 -11.00 -14.60 -15.00
N ARG B 179 -11.33 -13.96 -16.11
CA ARG B 179 -10.36 -13.29 -16.95
C ARG B 179 -10.80 -11.86 -17.23
N TYR B 180 -9.81 -10.97 -17.41
CA TYR B 180 -10.04 -9.62 -17.90
C TYR B 180 -10.09 -9.61 -19.42
N PRO B 181 -10.80 -8.67 -20.04
CA PRO B 181 -10.71 -8.51 -21.47
C PRO B 181 -9.31 -8.07 -21.84
N PRO B 182 -8.96 -8.03 -23.13
CA PRO B 182 -7.71 -7.39 -23.51
C PRO B 182 -7.78 -5.91 -23.19
N PHE B 183 -6.67 -5.35 -22.69
CA PHE B 183 -6.64 -3.91 -22.43
C PHE B 183 -5.20 -3.44 -22.45
N CYS B 184 -5.02 -2.12 -22.41
CA CYS B 184 -3.70 -1.50 -22.41
C CYS B 184 -3.40 -0.84 -21.08
N SER B 185 -2.15 -0.94 -20.62
CA SER B 185 -1.75 -0.34 -19.36
C SER B 185 -2.20 1.10 -19.30
N GLY B 186 -2.81 1.48 -18.17
CA GLY B 186 -3.26 2.83 -17.98
C GLY B 186 -2.17 3.85 -17.76
N THR B 187 -0.90 3.41 -17.64
CA THR B 187 0.16 4.41 -17.53
C THR B 187 0.20 5.29 -18.78
N GLY B 188 -0.24 4.78 -19.92
CA GLY B 188 -0.28 5.57 -21.13
C GLY B 188 -0.79 4.81 -22.33
N TYR B 189 -1.93 5.23 -22.88
CA TYR B 189 -2.45 4.59 -24.08
C TYR B 189 -2.98 5.62 -25.05
N VAL B 190 -3.06 5.22 -26.32
CA VAL B 190 -3.39 6.13 -27.42
C VAL B 190 -4.50 5.52 -28.27
N PHE B 191 -5.39 6.38 -28.73
CA PHE B 191 -6.47 5.91 -29.60
C PHE B 191 -6.76 7.00 -30.61
N SER B 192 -7.35 6.61 -31.74
CA SER B 192 -7.86 7.61 -32.67
C SER B 192 -9.09 8.27 -32.05
N GLY B 193 -9.29 9.56 -32.31
CA GLY B 193 -10.37 10.33 -31.65
C GLY B 193 -11.78 9.79 -31.83
N ASP B 194 -11.99 8.95 -32.85
CA ASP B 194 -13.34 8.37 -33.11
C ASP B 194 -13.69 7.37 -32.01
N VAL B 195 -12.68 6.76 -31.41
CA VAL B 195 -12.89 5.74 -30.35
C VAL B 195 -13.51 6.43 -29.12
N ALA B 196 -13.15 7.68 -28.87
CA ALA B 196 -13.66 8.38 -27.68
C ALA B 196 -15.18 8.42 -27.70
N SER B 197 -15.77 8.71 -28.86
CA SER B 197 -17.24 8.86 -28.93
C SER B 197 -17.89 7.48 -28.88
N GLN B 198 -17.30 6.51 -29.55
CA GLN B 198 -17.85 5.14 -29.56
C GLN B 198 -17.76 4.53 -28.15
N VAL B 199 -16.77 4.93 -27.37
CA VAL B 199 -16.55 4.37 -26.00
C VAL B 199 -17.50 5.10 -25.04
N TYR B 200 -17.64 6.42 -25.21
CA TYR B 200 -18.59 7.18 -24.37
C TYR B 200 -20.02 6.71 -24.65
N ASN B 201 -20.30 6.29 -25.88
CA ASN B 201 -21.69 5.91 -26.24
C ASN B 201 -21.96 4.52 -25.66
N VAL B 202 -20.93 3.68 -25.63
CA VAL B 202 -21.19 2.33 -25.13
C VAL B 202 -21.00 2.19 -23.64
N SER B 203 -20.36 3.17 -22.98
CA SER B 203 -19.89 2.98 -21.61
C SER B 203 -21.02 2.61 -20.64
N LYS B 204 -22.15 3.31 -20.69
CA LYS B 204 -23.19 3.02 -19.70
C LYS B 204 -23.87 1.68 -19.90
N SER B 205 -23.65 0.97 -21.01
CA SER B 205 -24.17 -0.38 -21.14
C SER B 205 -23.15 -1.45 -20.80
N VAL B 206 -21.93 -1.05 -20.43
CA VAL B 206 -20.84 -1.98 -20.13
C VAL B 206 -20.71 -2.12 -18.61
N PRO B 207 -20.55 -3.33 -18.09
CA PRO B 207 -20.38 -3.50 -16.64
C PRO B 207 -19.27 -2.59 -16.12
N TYR B 208 -19.56 -1.88 -15.05
CA TYR B 208 -18.58 -0.97 -14.47
C TYR B 208 -17.47 -1.76 -13.75
N ILE B 209 -16.29 -1.16 -13.73
CA ILE B 209 -15.18 -1.63 -12.91
C ILE B 209 -14.30 -0.44 -12.59
N LYS B 210 -13.80 -0.40 -11.35
CA LYS B 210 -13.10 0.76 -10.84
C LYS B 210 -11.67 0.90 -11.37
N LEU B 211 -11.13 -0.10 -12.06
CA LEU B 211 -9.82 -0.01 -12.70
C LEU B 211 -10.02 0.55 -14.10
N GLU B 212 -9.57 1.78 -14.33
CA GLU B 212 -9.95 2.51 -15.53
C GLU B 212 -9.53 1.79 -16.81
N ASP B 213 -8.30 1.24 -16.84
CA ASP B 213 -7.85 0.66 -18.09
C ASP B 213 -8.60 -0.63 -18.42
N VAL B 214 -8.98 -1.42 -17.40
CA VAL B 214 -9.82 -2.59 -17.64
C VAL B 214 -11.18 -2.17 -18.18
N PHE B 215 -11.77 -1.14 -17.58
CA PHE B 215 -13.07 -0.70 -18.04
C PHE B 215 -13.01 -0.28 -19.50
N VAL B 216 -12.02 0.52 -19.85
CA VAL B 216 -11.89 0.91 -21.24
C VAL B 216 -11.73 -0.32 -22.11
N GLY B 217 -10.98 -1.32 -21.63
CA GLY B 217 -10.86 -2.56 -22.37
C GLY B 217 -12.21 -3.23 -22.62
N LEU B 218 -13.06 -3.24 -21.59
CA LEU B 218 -14.40 -3.82 -21.75
C LEU B 218 -15.19 -3.09 -22.83
N CYS B 219 -15.12 -1.76 -22.83
CA CYS B 219 -15.83 -1.00 -23.85
C CYS B 219 -15.28 -1.34 -25.24
N LEU B 220 -13.95 -1.35 -25.38
CA LEU B 220 -13.35 -1.68 -26.67
C LEU B 220 -13.81 -3.05 -27.15
N GLU B 221 -13.88 -4.00 -26.24
CA GLU B 221 -14.33 -5.35 -26.59
C GLU B 221 -15.80 -5.36 -27.02
N ARG B 222 -16.66 -4.60 -26.34
CA ARG B 222 -18.05 -4.56 -26.76
C ARG B 222 -18.18 -4.03 -28.19
N LEU B 223 -17.29 -3.13 -28.59
CA LEU B 223 -17.28 -2.53 -29.92
C LEU B 223 -16.54 -3.33 -30.97
N ASN B 224 -15.87 -4.42 -30.59
CA ASN B 224 -15.05 -5.22 -31.51
C ASN B 224 -13.88 -4.42 -32.09
N ILE B 225 -13.32 -3.51 -31.28
CA ILE B 225 -12.11 -2.79 -31.64
C ILE B 225 -10.94 -3.57 -31.06
N ARG B 226 -10.18 -4.23 -31.93
CA ARG B 226 -9.07 -5.04 -31.51
C ARG B 226 -7.89 -4.15 -31.16
N LEU B 227 -7.15 -4.53 -30.14
CA LEU B 227 -5.97 -3.76 -29.79
C LEU B 227 -4.87 -4.03 -30.81
N GLU B 228 -4.07 -3.01 -31.12
CA GLU B 228 -2.93 -3.21 -32.00
C GLU B 228 -1.67 -2.55 -31.45
N GLU B 229 -0.54 -3.20 -31.70
CA GLU B 229 0.75 -2.58 -31.44
C GLU B 229 0.99 -1.39 -32.34
N LEU B 230 1.68 -0.39 -31.80
CA LEU B 230 1.99 0.81 -32.53
C LEU B 230 3.13 0.61 -33.52
N HIS B 231 4.01 -0.37 -33.26
CA HIS B 231 5.25 -0.48 -34.03
C HIS B 231 5.83 -1.87 -33.88
N SER B 232 6.77 -2.20 -34.76
CA SER B 232 7.40 -3.51 -34.74
C SER B 232 8.27 -3.71 -33.51
N GLN B 233 8.67 -2.63 -32.86
CA GLN B 233 9.43 -2.69 -31.62
C GLN B 233 8.60 -2.16 -30.47
N PRO B 234 8.78 -2.67 -29.27
CA PRO B 234 8.03 -2.13 -28.13
C PRO B 234 8.35 -0.65 -27.93
N THR B 235 7.32 0.13 -27.62
CA THR B 235 7.49 1.56 -27.44
C THR B 235 6.87 2.11 -26.15
N PHE B 236 6.07 1.34 -25.44
CA PHE B 236 5.49 1.73 -24.16
C PHE B 236 6.10 0.89 -23.05
N PHE B 237 6.49 1.51 -21.94
CA PHE B 237 7.23 0.83 -20.89
C PHE B 237 6.63 1.18 -19.54
N PRO B 238 5.55 0.50 -19.16
CA PRO B 238 4.99 0.72 -17.83
C PRO B 238 5.96 0.31 -16.73
N GLY B 239 6.86 -0.61 -17.04
CA GLY B 239 7.82 -1.10 -16.07
C GLY B 239 9.04 -0.25 -15.89
N GLY B 240 9.18 0.83 -16.65
CA GLY B 240 10.33 1.70 -16.59
C GLY B 240 11.46 1.27 -17.51
N LEU B 241 12.47 2.13 -17.60
CA LEU B 241 13.59 1.91 -18.49
C LEU B 241 14.86 2.48 -17.89
N ARG B 242 15.98 1.81 -18.21
CA ARG B 242 17.29 2.38 -17.96
C ARG B 242 17.51 3.52 -18.94
N PHE B 243 17.87 4.69 -18.44
CA PHE B 243 17.87 5.86 -19.32
C PHE B 243 19.10 5.91 -20.20
N SER B 244 18.88 6.26 -21.48
CA SER B 244 19.93 6.75 -22.34
C SER B 244 19.29 7.63 -23.40
N VAL B 245 20.04 8.60 -23.90
CA VAL B 245 19.48 9.54 -24.90
C VAL B 245 19.08 8.76 -26.15
N CYS B 246 19.93 7.84 -26.59
CA CYS B 246 19.63 7.14 -27.84
C CYS B 246 18.42 6.23 -27.69
N LEU B 247 18.29 5.55 -26.56
CA LEU B 247 17.12 4.71 -26.36
C LEU B 247 15.85 5.56 -26.31
N PHE B 248 15.87 6.63 -25.52
CA PHE B 248 14.67 7.42 -25.32
C PHE B 248 14.29 8.20 -26.56
N ARG B 249 15.18 8.31 -27.53
CA ARG B 249 14.79 8.89 -28.81
C ARG B 249 13.85 8.00 -29.61
N ARG B 250 13.77 6.70 -29.30
CA ARG B 250 12.92 5.75 -30.01
C ARG B 250 12.02 4.99 -29.07
N ILE B 251 11.42 5.68 -28.09
CA ILE B 251 10.33 5.14 -27.30
C ILE B 251 9.23 6.19 -27.29
N VAL B 252 8.04 5.77 -26.88
CA VAL B 252 6.92 6.69 -26.73
C VAL B 252 6.67 7.08 -25.28
N ALA B 253 6.70 6.11 -24.38
CA ALA B 253 6.28 6.38 -23.01
C ALA B 253 7.08 5.51 -22.04
N CYS B 254 7.49 6.13 -20.95
CA CYS B 254 8.25 5.45 -19.91
C CYS B 254 7.71 5.85 -18.55
N HIS B 255 7.40 4.87 -17.73
CA HIS B 255 6.80 5.05 -16.42
C HIS B 255 7.87 5.09 -15.33
N PHE B 256 7.45 5.48 -14.13
CA PHE B 256 8.33 5.52 -12.96
C PHE B 256 9.39 6.64 -13.04
N ILE B 257 8.95 7.86 -13.34
CA ILE B 257 9.85 8.99 -13.59
C ILE B 257 9.39 10.17 -12.75
N LYS B 258 10.10 10.46 -11.65
CA LYS B 258 9.72 11.55 -10.77
C LYS B 258 10.14 12.89 -11.36
N PRO B 259 9.63 14.01 -10.81
CA PRO B 259 9.79 15.30 -11.51
C PRO B 259 11.23 15.71 -11.80
N ARG B 260 12.13 15.69 -10.81
CA ARG B 260 13.54 15.98 -11.06
C ARG B 260 14.09 15.10 -12.16
N THR B 261 13.82 13.80 -12.08
CA THR B 261 14.30 12.89 -13.11
C THR B 261 13.75 13.28 -14.47
N LEU B 262 12.46 13.63 -14.55
CA LEU B 262 11.89 14.05 -15.81
C LEU B 262 12.65 15.25 -16.37
N LEU B 263 12.90 16.25 -15.53
CA LEU B 263 13.57 17.46 -16.00
C LEU B 263 14.98 17.14 -16.47
N ASP B 264 15.69 16.27 -15.74
CA ASP B 264 17.02 15.88 -16.18
C ASP B 264 16.99 15.14 -17.51
N TYR B 265 16.03 14.22 -17.71
CA TYR B 265 15.97 13.54 -19.00
C TYR B 265 15.68 14.51 -20.12
N TRP B 266 14.72 15.41 -19.90
CA TRP B 266 14.38 16.42 -20.91
C TRP B 266 15.61 17.25 -21.24
N GLN B 267 16.31 17.69 -20.20
CA GLN B 267 17.52 18.46 -20.38
C GLN B 267 18.57 17.67 -21.16
N ALA B 268 18.74 16.40 -20.84
CA ALA B 268 19.70 15.57 -21.56
C ALA B 268 19.38 15.54 -23.05
N LEU B 269 18.10 15.31 -23.36
CA LEU B 269 17.69 15.23 -24.76
C LEU B 269 17.92 16.56 -25.47
N GLU B 270 17.70 17.67 -24.77
CA GLU B 270 18.02 18.96 -25.36
C GLU B 270 19.53 19.07 -25.59
N ASN B 271 20.32 18.91 -24.53
CA ASN B 271 21.77 19.05 -24.62
C ASN B 271 22.41 18.18 -25.69
N SER B 272 21.81 17.03 -25.98
CA SER B 272 22.39 16.10 -26.93
C SER B 272 21.69 16.14 -28.28
N ARG B 273 20.74 17.05 -28.46
CA ARG B 273 20.07 17.17 -29.74
C ARG B 273 21.09 17.37 -30.85
N GLY B 274 20.87 16.73 -31.99
CA GLY B 274 21.84 16.87 -33.05
C GLY B 274 23.08 16.02 -32.93
N GLU B 275 23.09 15.00 -32.07
CA GLU B 275 24.10 13.96 -32.18
C GLU B 275 23.49 12.72 -32.84
N ASP B 276 24.36 11.89 -33.42
CA ASP B 276 23.88 10.72 -34.14
C ASP B 276 23.88 9.50 -33.24
N CYS B 277 22.96 8.58 -33.55
CA CYS B 277 22.80 7.35 -32.80
C CYS B 277 22.73 6.23 -33.82
N PRO B 278 23.33 5.06 -33.52
CA PRO B 278 23.46 4.00 -34.54
C PRO B 278 22.12 3.56 -35.12
C1 NAG C . -10.48 5.00 20.59
C2 NAG C . -10.70 6.30 21.35
C3 NAG C . -12.07 6.89 21.04
C4 NAG C . -12.30 6.99 19.53
C5 NAG C . -12.01 5.65 18.87
C6 NAG C . -12.04 5.71 17.36
C7 NAG C . -9.94 6.95 23.59
C8 NAG C . -9.89 6.55 25.05
N2 NAG C . -10.56 6.09 22.78
O3 NAG C . -12.15 8.20 21.62
O4 NAG C . -13.65 7.39 19.27
O5 NAG C . -10.69 5.22 19.22
O6 NAG C . -11.05 6.62 16.87
O7 NAG C . -9.45 7.99 23.19
H1 NAG C . -11.12 4.34 20.91
H2 NAG C . -10.01 6.95 21.05
H3 NAG C . -12.75 6.31 21.42
H4 NAG C . -11.70 7.66 19.16
H5 NAG C . -12.66 4.99 19.17
H61 NAG C . -12.93 6.03 17.07
H62 NAG C . -11.88 4.83 16.98
H81 NAG C . -9.08 6.89 25.45
H82 NAG C . -9.91 5.57 25.12
H83 NAG C . -10.67 6.92 25.51
HN2 NAG C . -10.91 5.33 23.13
HO3 NAG C . -11.51 8.71 21.30
HO6 NAG C . -10.68 6.28 16.14
C1 NAG C . -13.68 8.62 18.52
C2 NAG C . -15.14 8.95 18.20
C3 NAG C . -15.25 10.29 17.48
C4 NAG C . -14.49 11.38 18.23
C5 NAG C . -13.06 10.93 18.51
C6 NAG C . -12.28 11.92 19.34
C7 NAG C . -15.91 6.64 17.81
C8 NAG C . -16.52 5.70 16.82
N2 NAG C . -15.74 7.90 17.39
O3 NAG C . -16.62 10.65 17.36
O4 NAG C . -14.46 12.57 17.43
O5 NAG C . -13.09 9.70 19.24
O6 NAG C . -10.89 11.86 19.03
O7 NAG C . -15.56 6.28 18.93
H1 NAG C . -13.20 8.51 17.68
H2 NAG C . -15.63 9.03 19.04
H3 NAG C . -14.86 10.21 16.59
H4 NAG C . -14.95 11.57 19.07
H5 NAG C . -12.60 10.80 17.67
H61 NAG C . -12.40 11.72 20.28
H62 NAG C . -12.61 12.82 19.16
H81 NAG C . -16.07 5.79 15.97
H82 NAG C . -17.47 5.90 16.73
H83 NAG C . -16.42 4.78 17.15
HN2 NAG C . -16.03 8.12 16.55
HO3 NAG C . -16.72 11.53 17.50
HO4 NAG C . -14.88 13.23 17.87
HO6 NAG C . -10.73 11.11 18.59
C1 NAG D . 7.36 -33.75 21.36
C2 NAG D . 7.79 -34.01 22.81
C3 NAG D . 9.17 -34.67 22.83
C4 NAG D . 9.22 -35.88 21.91
C5 NAG D . 8.69 -35.52 20.52
C6 NAG D . 8.59 -36.69 19.56
C7 NAG D . 7.84 -32.66 24.87
C8 NAG D . 7.84 -31.26 25.43
N2 NAG D . 7.80 -32.76 23.54
O3 NAG D . 9.48 -35.05 24.17
O4 NAG D . 10.56 -36.35 21.80
O5 NAG D . 7.38 -34.95 20.63
O6 NAG D . 9.60 -37.67 19.77
O7 NAG D . 7.86 -33.64 25.59
C1 FUC D . 9.02 -38.99 19.63
C2 FUC D . 9.41 -39.80 20.91
C3 FUC D . 8.56 -39.35 22.12
C4 FUC D . 7.03 -39.47 21.80
C5 FUC D . 6.71 -38.61 20.57
C6 FUC D . 5.27 -38.68 20.10
O2 FUC D . 10.81 -39.71 21.19
O3 FUC D . 8.87 -40.13 23.28
O4 FUC D . 6.65 -40.81 21.54
O5 FUC D . 7.56 -38.96 19.43
C1 NAG E . -16.07 8.69 -5.76
C2 NAG E . -15.82 8.64 -4.26
C3 NAG E . -17.15 8.42 -3.53
C4 NAG E . -18.17 9.46 -3.94
C5 NAG E . -18.25 9.59 -5.46
C6 NAG E . -18.99 10.85 -5.88
C7 NAG E . -15.03 6.33 -3.86
C8 NAG E . -13.87 5.49 -3.41
N2 NAG E . -14.82 7.66 -3.87
O3 NAG E . -16.93 8.48 -2.12
O4 NAG E . -19.42 8.99 -3.45
O5 NAG E . -16.95 9.74 -6.04
O6 NAG E . -18.12 11.97 -5.80
O7 NAG E . -16.10 5.83 -4.20
C1 NAG E . -20.32 9.92 -2.77
C2 NAG E . -19.59 11.04 -1.97
C3 NAG E . -20.59 12.12 -1.51
C4 NAG E . -21.52 12.54 -2.63
C5 NAG E . -22.19 11.31 -3.21
C6 NAG E . -23.14 11.62 -4.34
C7 NAG E . -17.97 11.05 -0.08
C8 NAG E . -17.59 12.45 -0.48
N2 NAG E . -18.91 10.45 -0.83
O3 NAG E . -19.91 13.28 -1.04
O4 NAG E . -22.50 13.46 -2.15
O5 NAG E . -21.17 10.49 -3.76
O6 NAG E . -22.87 10.79 -5.45
O7 NAG E . -17.45 10.49 0.87
C1 NAG F . -3.11 5.10 -45.29
C2 NAG F . -2.00 5.28 -46.33
C3 NAG F . -2.60 5.34 -47.72
C4 NAG F . -3.48 4.13 -47.99
C5 NAG F . -4.57 4.06 -46.93
C6 NAG F . -5.42 2.81 -47.04
C7 NAG F . 0.09 6.50 -45.86
C8 NAG F . 0.80 5.18 -45.94
N2 NAG F . -1.24 6.48 -46.06
O3 NAG F . -1.54 5.37 -48.68
O4 NAG F . -4.06 4.26 -49.28
O5 NAG F . -3.95 4.01 -45.63
O6 NAG F . -4.65 1.68 -46.68
O7 NAG F . 0.69 7.54 -45.65
H1 NAG F . -3.64 5.92 -45.24
H2 NAG F . -1.42 4.49 -46.30
H3 NAG F . -3.14 6.15 -47.81
H4 NAG F . -2.96 3.31 -47.96
H5 NAG F . -5.14 4.85 -47.00
H61 NAG F . -5.74 2.73 -47.95
H62 NAG F . -6.18 2.90 -46.44
H81 NAG F . 0.61 4.75 -46.80
H82 NAG F . 0.50 4.60 -45.20
H83 NAG F . 1.76 5.32 -45.85
HN2 NAG F . -1.68 7.27 -46.03
HO3 NAG F . -0.92 4.77 -48.47
C1 NAG F . -4.15 3.01 -49.99
C2 NAG F . -4.78 3.39 -51.33
C3 NAG F . -4.94 2.16 -52.21
C4 NAG F . -3.63 1.36 -52.29
C5 NAG F . -3.06 1.16 -50.89
C6 NAG F . -1.71 0.48 -50.88
C7 NAG F . -6.22 5.37 -51.05
C8 NAG F . -7.63 5.86 -50.86
N2 NAG F . -6.07 4.05 -51.15
O3 NAG F . -5.33 2.56 -53.51
O4 NAG F . -3.88 0.09 -52.86
O5 NAG F . -2.92 2.40 -50.22
O6 NAG F . -0.75 1.23 -51.60
O7 NAG F . -5.28 6.13 -51.08
H1 NAG F . -4.68 2.36 -49.50
H2 NAG F . -4.19 4.01 -51.79
H3 NAG F . -5.62 1.57 -51.84
H4 NAG F . -2.98 1.87 -52.83
H5 NAG F . -3.68 0.59 -50.38
H61 NAG F . -1.78 -0.40 -51.28
H62 NAG F . -1.39 0.39 -49.96
H81 NAG F . -8.21 5.41 -51.51
H82 NAG F . -7.66 6.82 -51.01
H83 NAG F . -7.93 5.65 -49.96
HN2 NAG F . -6.81 3.52 -51.10
HO3 NAG F . -5.38 3.45 -53.53
HO6 NAG F . -1.02 1.31 -52.45
C1 BMA F . -3.30 -0.14 -54.14
C2 BMA F . -2.86 -1.60 -54.12
C3 BMA F . -2.44 -2.10 -55.50
C4 BMA F . -3.39 -1.64 -56.55
C5 BMA F . -3.69 -0.17 -56.45
C6 BMA F . -4.75 0.22 -57.44
O2 BMA F . -3.98 -2.41 -53.76
O3 BMA F . -2.34 -3.56 -55.52
O4 BMA F . -2.82 -1.94 -57.81
O5 BMA F . -4.22 0.07 -55.15
O6 BMA F . -5.87 -0.63 -57.20
H1 BMA F . -2.44 0.54 -54.31
H2 BMA F . -2.01 -1.69 -53.43
H3 BMA F . -1.44 -1.73 -55.73
H4 BMA F . -4.35 -2.16 -56.39
H5 BMA F . -2.78 0.44 -56.61
H61 BMA F . -4.36 0.10 -58.46
H62 BMA F . -5.01 1.29 -57.29
HO2 BMA F . -4.77 -1.95 -54.14
HO4 BMA F . -1.87 -1.90 -57.69
C1 MAN F . -0.97 -4.03 -55.49
C2 MAN F . -0.84 -5.52 -55.89
C3 MAN F . -1.83 -6.25 -55.01
C4 MAN F . -1.44 -6.00 -53.52
C5 MAN F . -1.27 -4.50 -53.16
C6 MAN F . -0.56 -4.33 -51.79
O2 MAN F . 0.46 -6.04 -55.59
O3 MAN F . -1.89 -7.65 -55.23
O4 MAN F . -2.42 -6.55 -52.64
O5 MAN F . -0.47 -3.85 -54.17
O6 MAN F . -1.42 -3.63 -50.89
H1 MAN F . -0.39 -3.44 -56.20
H2 MAN F . -1.05 -5.68 -56.96
H3 MAN F . -2.83 -5.89 -55.24
H4 MAN F . -0.45 -6.46 -53.43
H5 MAN F . -2.24 -4.01 -53.13
H61 MAN F . 0.37 -3.76 -51.96
H62 MAN F . -0.30 -5.32 -51.42
HO2 MAN F . 1.05 -5.77 -56.30
HO3 MAN F . -2.48 -7.75 -55.98
HO4 MAN F . -2.45 -5.96 -51.85
HO6 MAN F . -2.31 -3.97 -51.03
C1 MAN F . -6.99 -0.28 -58.05
C2 MAN F . -8.22 -1.17 -57.81
C3 MAN F . -7.86 -2.59 -58.12
C4 MAN F . -7.25 -2.72 -59.51
C5 MAN F . -6.03 -1.76 -59.68
C6 MAN F . -5.48 -1.81 -61.10
O2 MAN F . -9.29 -0.79 -58.70
O3 MAN F . -8.99 -3.45 -57.96
O4 MAN F . -6.84 -4.05 -59.69
O5 MAN F . -6.49 -0.42 -59.37
O6 MAN F . -6.59 -1.65 -61.98
H1 MAN F . -7.33 0.74 -57.85
H2 MAN F . -8.55 -1.11 -56.76
H3 MAN F . -7.10 -2.94 -57.42
H4 MAN F . -8.00 -2.39 -60.25
H5 MAN F . -5.20 -2.03 -59.01
H61 MAN F . -4.97 -2.77 -61.26
H62 MAN F . -4.75 -1.00 -61.22
HO2 MAN F . -8.95 -0.23 -59.41
HO3 MAN F . -8.62 -4.27 -57.60
HO4 MAN F . -6.44 -4.31 -58.83
HO6 MAN F . -7.25 -1.12 -61.53
C1 FUC F . -5.15 0.46 -47.24
C2 FUC F . -4.12 -0.65 -47.01
C3 FUC F . -3.86 -0.75 -45.49
C4 FUC F . -5.19 -0.96 -44.71
C5 FUC F . -6.26 0.07 -45.15
C6 FUC F . -7.64 -0.25 -44.63
O2 FUC F . -2.92 -0.44 -47.74
O3 FUC F . -3.00 -1.86 -45.23
O4 FUC F . -5.66 -2.28 -44.96
O5 FUC F . -6.37 0.16 -46.60
H1 FUC F . -5.35 0.53 -48.32
H2 FUC F . -4.52 -1.60 -47.36
H3 FUC F . -3.40 0.18 -45.13
H4 FUC F . -5.02 -0.80 -43.64
H5 FUC F . -5.92 1.05 -44.78
H61 FUC F . -8.34 -0.43 -45.46
H62 FUC F . -8.02 0.59 -44.04
H63 FUC F . -7.61 -1.14 -43.98
HO2 FUC F . -2.22 -0.46 -47.09
HO3 FUC F . -2.25 -1.76 -45.83
HO4 FUC F . -6.33 -2.45 -44.28
C1 BMA G . 1.22 -8.04 -14.93
C2 BMA G . 2.60 -7.33 -14.81
C3 BMA G . 2.74 -6.75 -13.39
C4 BMA G . 1.48 -5.95 -12.94
C5 BMA G . 0.19 -6.79 -13.13
C6 BMA G . -1.12 -6.05 -12.79
O1 BMA G . 1.02 -8.40 -16.28
O2 BMA G . 2.74 -6.26 -15.76
O3 BMA G . 3.95 -5.98 -13.23
O4 BMA G . 1.61 -5.56 -11.57
O5 BMA G . 0.12 -7.22 -14.52
O6 BMA G . -1.01 -4.65 -13.10
C1 MAN G . -2.30 -4.21 -13.61
C2 MAN G . -2.15 -2.77 -14.17
C3 MAN G . -3.32 -1.91 -13.75
C4 MAN G . -4.60 -2.72 -13.95
C5 MAN G . -4.61 -3.86 -12.90
C6 MAN G . -5.42 -5.11 -13.28
O2 MAN G . -2.22 -2.81 -15.60
O3 MAN G . -3.37 -0.71 -14.52
O4 MAN G . -5.75 -1.87 -13.73
O5 MAN G . -3.27 -4.30 -12.58
O6 MAN G . -5.27 -6.04 -12.20
C1 GAL G . -3.45 0.47 -13.69
C2 GAL G . -2.71 1.67 -14.41
C3 GAL G . -2.89 2.99 -13.65
C4 GAL G . -4.41 3.30 -13.49
C5 GAL G . -5.11 2.08 -12.76
C6 GAL G . -6.68 2.08 -12.69
O2 GAL G . -1.33 1.44 -14.60
O3 GAL G . -2.25 4.07 -14.33
O4 GAL G . -4.96 3.55 -14.77
O5 GAL G . -4.81 0.80 -13.37
O6 GAL G . -7.24 3.18 -11.98
C1 BMA H . 2.52 -7.13 39.38
C2 BMA H . 4.01 -7.21 38.96
C3 BMA H . 4.49 -5.83 38.45
C4 BMA H . 3.51 -5.21 37.44
C5 BMA H . 2.06 -5.22 38.02
C6 BMA H . 1.05 -4.69 37.03
O1 BMA H . 2.09 -8.44 39.66
O2 BMA H . 4.21 -8.16 37.91
O3 BMA H . 5.80 -5.89 37.91
O4 BMA H . 3.91 -3.89 37.10
O5 BMA H . 1.68 -6.57 38.38
O6 BMA H . 1.52 -5.03 35.75
C1 MAN H . 0.39 -5.36 34.93
C2 MAN H . 0.92 -5.49 33.50
C3 MAN H . 0.02 -4.75 32.56
C4 MAN H . -1.44 -5.08 32.91
C5 MAN H . -1.75 -4.40 34.25
C6 MAN H . -2.85 -5.03 35.11
O2 MAN H . 0.91 -6.87 33.04
O3 MAN H . 0.30 -5.14 31.25
O4 MAN H . -2.28 -4.54 31.90
O5 MAN H . -0.56 -4.35 35.06
O6 MAN H . -2.94 -4.21 36.32
C1 GAL H . 0.34 -4.01 30.36
C2 GAL H . 1.23 -4.47 29.20
C3 GAL H . 1.21 -3.51 28.00
C4 GAL H . -0.27 -3.32 27.57
C5 GAL H . -1.12 -2.80 28.78
C6 GAL H . -2.66 -2.78 28.57
O2 GAL H . 2.61 -4.69 29.58
O3 GAL H . 1.98 -4.00 26.90
O4 GAL H . -0.75 -4.56 27.10
O5 GAL H . -0.96 -3.63 29.96
O6 GAL H . -3.16 -2.02 27.46
MN MN I . 6.91 -1.39 27.37
C1 B3P J . -16.51 -12.21 37.91
C2 B3P J . -14.98 -12.46 37.95
C3 B3P J . -17.24 -12.12 36.54
N1 B3P J . -17.04 -13.36 35.79
C4 B3P J . -17.92 -13.44 34.63
C5 B3P J . -19.41 -13.42 35.02
C6 B3P J . -17.64 -14.81 34.02
C7 B3P J . -17.60 -12.27 33.67
N2 B3P J . -14.56 -13.69 37.29
C8 B3P J . -13.12 -13.65 36.90
C9 B3P J . -12.61 -15.08 36.79
C10 B3P J . -12.20 -12.97 37.92
C11 B3P J . -12.96 -12.90 35.58
O1 B3P J . -11.25 -15.06 36.44
O2 B3P J . -12.46 -13.44 39.21
O3 B3P J . -13.95 -13.28 34.66
O4 B3P J . -19.79 -14.69 35.52
O5 B3P J . -17.78 -14.71 32.65
O6 B3P J . -16.21 -12.02 33.67
H11 B3P J . -16.68 -11.37 38.38
H12 B3P J . -16.93 -12.93 38.41
H21 B3P J . -14.70 -12.50 38.89
H22 B3P J . -14.54 -11.71 37.53
H31 B3P J . -18.19 -11.98 36.69
H32 B3P J . -16.87 -11.38 36.03
HN1 B3P J . -17.22 -14.04 36.33
H51 B3P J . -19.55 -12.76 35.71
H52 B3P J . -19.95 -13.21 34.24
H61 B3P J . -18.27 -15.46 34.38
H62 B3P J . -16.73 -15.08 34.24
H71 B3P J . -17.90 -12.49 32.78
H72 B3P J . -18.07 -11.47 33.98
HN2 B3P J . -15.04 -13.80 36.56
H91 B3P J . -13.12 -15.56 36.10
H92 B3P J . -12.71 -15.53 37.64
H101 B3P J . -11.27 -13.15 37.69
H102 B3P J . -12.35 -12.01 37.89
H111 B3P J . -13.03 -11.95 35.75
H112 B3P J . -12.08 -13.11 35.20
HO1 B3P J . -10.78 -15.37 37.07
HO2 B3P J . -12.59 -12.79 39.74
HO3 B3P J . -14.20 -12.60 34.22
HO4 B3P J . -20.12 -15.17 34.90
HO5 B3P J . -18.51 -15.09 32.43
HO6 B3P J . -15.82 -12.78 33.65
MN MN K . 1.96 5.95 -12.16
C1 B3P L . -17.46 -13.09 -19.42
C2 B3P L . -16.05 -12.46 -19.53
C3 B3P L . -18.48 -12.35 -20.32
N1 B3P L . -18.67 -10.94 -19.92
C4 B3P L . -19.52 -10.21 -20.90
C5 B3P L . -19.69 -8.76 -20.45
C6 B3P L . -20.89 -10.89 -20.94
C7 B3P L . -18.92 -10.22 -22.32
N2 B3P L . -15.60 -12.44 -20.94
C8 B3P L . -14.69 -11.29 -21.07
C9 B3P L . -13.50 -11.67 -20.22
C10 B3P L . -14.26 -11.08 -22.51
C11 B3P L . -15.44 -10.06 -20.54
O1 B3P L . -13.30 -13.04 -20.47
O2 B3P L . -12.85 -10.98 -22.56
O3 B3P L . -15.14 -8.88 -21.18
O4 B3P L . -18.58 -8.00 -20.88
O5 B3P L . -21.35 -10.90 -22.26
O6 B3P L . -19.66 -9.34 -23.15
H11 B3P L . -17.76 -13.04 -18.50
H12 B3P L . -17.42 -14.02 -19.68
H21 B3P L . -15.43 -12.98 -19.00
H22 B3P L . -16.08 -11.56 -19.19
H31 B3P L . -18.15 -12.37 -21.24
H32 B3P L . -19.33 -12.81 -20.28
HN1 B3P L . -19.07 -10.92 -19.12
H51 B3P L . -20.50 -8.38 -20.83
H52 B3P L . -19.75 -8.73 -19.48
H61 B3P L . -21.51 -10.39 -20.38
H62 B3P L . -20.80 -11.79 -20.62
H71 B3P L . -18.00 -9.91 -22.27
H72 B3P L . -18.95 -11.11 -22.68
HN2 B3P L . -16.29 -12.36 -21.48
H91 B3P L . -13.67 -11.52 -19.29
H92 B3P L . -12.71 -11.17 -20.50
H101 B3P L . -14.55 -11.83 -23.04
H102 B3P L . -14.65 -10.27 -22.85
H111 B3P L . -16.39 -10.23 -20.66
H112 B3P L . -15.23 -9.97 -19.60
HO1 B3P L . -13.45 -13.20 -21.28
HO2 B3P L . -12.63 -10.27 -22.97
HO3 B3P L . -14.30 -8.82 -21.20
HO4 B3P L . -18.77 -7.18 -20.87
HO5 B3P L . -21.98 -10.33 -22.37
HO6 B3P L . -20.47 -9.32 -22.91
C1 NAG M . -25.22 6.95 -29.04
C2 NAG M . -25.91 5.90 -29.91
C3 NAG M . -27.04 6.56 -30.69
C4 NAG M . -27.99 7.27 -29.73
C5 NAG M . -27.23 8.21 -28.79
C6 NAG M . -28.11 8.81 -27.71
C7 NAG M . -25.13 3.96 -31.19
C8 NAG M . -24.10 3.43 -32.14
N2 NAG M . -24.98 5.23 -30.82
O3 NAG M . -27.77 5.60 -31.45
O4 NAG M . -28.93 8.04 -30.46
O5 NAG M . -26.17 7.50 -28.10
O6 NAG M . -29.48 8.85 -28.14
O7 NAG M . -26.06 3.26 -30.77
H1 NAG M . -24.87 7.66 -29.61
H2 NAG M . -26.28 5.21 -29.32
H3 NAG M . -26.65 7.21 -31.31
H4 NAG M . -28.46 6.59 -29.20
H5 NAG M . -26.82 8.92 -29.31
H61 NAG M . -27.81 9.73 -27.54
H62 NAG M . -28.05 8.28 -26.91
H81 NAG M . -23.21 3.73 -31.86
H82 NAG M . -24.28 3.75 -33.04
H83 NAG M . -24.13 2.45 -32.13
HN2 NAG M . -24.28 5.72 -31.15
HO3 NAG M . -28.56 5.96 -31.68
HO4 NAG M . -29.75 7.70 -30.38
HO6 NAG M . -29.52 9.03 -29.00
#